data_5NPR
#
_entry.id   5NPR
#
_cell.length_a   138.038
_cell.length_b   150.951
_cell.length_c   200.540
_cell.angle_alpha   90.00
_cell.angle_beta   90.00
_cell.angle_gamma   90.00
#
_symmetry.space_group_name_H-M   'F 2 2 2'
#
loop_
_entity.id
_entity.type
_entity.pdbx_description
1 polymer 'UDP-N-acetylglucosamine--peptide N-acetylglucosaminyltransferase 110 kDa subunit'
2 polymer 'bisubstrate inhibitor'
3 non-polymer 'POTASSIUM ION'
4 non-polymer '[[(2~{R},3~{S},4~{R},5~{R})-5-[2,4-bis(oxidanylidene)pyrimidin-1-yl]-3,4-bis(oxidanyl)oxolan-2-yl]methoxy-oxidanyl-phosphoryl] propyl hydrogen phosphate'
5 water water
#
loop_
_entity_poly.entity_id
_entity_poly.type
_entity_poly.pdbx_seq_one_letter_code
_entity_poly.pdbx_strand_id
1 'polypeptide(L)'
;THADSLNNLANIKREQGNIEEAVRLYRKALEVFPEFAAAHSNLASVLQQQGKLQEALMHYKEAIRISPTFADAYSNMGNT
LKEMQDVQGALQCYTRAIQINPAFADAHSNLASIHKDSGNIPEAIASYRTALKLKPDFPDAYCNLAHCLQIVCDWTDYDE
RMKKLVSIVADQLEKNRLPSVHPHHSMLYPLSHGFRKAIAERHGNLCLDKINVLHKPPYEHPKDLKLSDGRLRVGYVSSD
FGNHPTSHLMQSIPGMHNPDKFEVFCYALSPDDGTNFRVKVMAEANHFIDLSQIPCNGKAADRIHQDGIHILVNMNGYTK
GARNELFALRPAPIQAMWLGYPGTSGALFMDYIITDQETSPAEVAEQYSEKLAYMPHTFFIGDHANMFPHLKKKAVIDFK
SNGHIYDNRIVLNGIDLKAFLDSLPDVKIVKMKCPDGGDNADSSNTALNMPVIPMNTIAEAVIEMINRGQIQITINGFSI
SNGLATTQINNKAATGEEVPRTIIVTTRSQYGLPEDAIVYCNFNQLYKIDPSTLQMWANILKRVPNSVLWLLRFPAVGEP
NIQQYAQNMGLPQNRIIFSPVAPKEEHVRRGQLADVCLDTPLCNGHTTGMDVLWAGTPMVTMPGETLASRVAASQLTCLG
CLELIAKNRQEYEDIAVKLGTDLEYLKKVRGKVWKQRISSPLFNTKQYTMELERLYLQMWEHYAAGNKPDHMIKPVE
;
A
2 'polypeptide(L)' (ACE)VTPVCTA(NH2) E
#
# COMPACT_ATOMS: atom_id res chain seq x y z
N THR A 1 -41.76 -24.56 12.03
CA THR A 1 -41.13 -24.56 13.40
C THR A 1 -39.99 -25.56 13.55
N HIS A 2 -40.17 -26.76 12.99
CA HIS A 2 -39.05 -27.67 12.76
C HIS A 2 -38.01 -26.94 11.86
N ALA A 3 -38.48 -26.45 10.72
CA ALA A 3 -37.69 -25.59 9.82
C ALA A 3 -36.95 -24.47 10.54
N ASP A 4 -37.66 -23.70 11.36
CA ASP A 4 -37.07 -22.55 12.07
C ASP A 4 -35.97 -22.93 13.06
N SER A 5 -36.14 -24.08 13.72
CA SER A 5 -35.13 -24.58 14.67
C SER A 5 -33.82 -24.97 13.97
N LEU A 6 -33.96 -25.54 12.77
CA LEU A 6 -32.80 -25.87 11.90
C LEU A 6 -32.08 -24.60 11.42
N ASN A 7 -32.87 -23.68 10.86
CA ASN A 7 -32.40 -22.35 10.48
C ASN A 7 -31.67 -21.60 11.62
N ASN A 8 -32.31 -21.55 12.80
CA ASN A 8 -31.74 -20.83 13.94
C ASN A 8 -30.43 -21.47 14.39
N LEU A 9 -30.38 -22.79 14.40
CA LEU A 9 -29.14 -23.52 14.71
C LEU A 9 -28.05 -23.20 13.65
N ALA A 10 -28.41 -23.33 12.38
CA ALA A 10 -27.53 -22.92 11.26
C ALA A 10 -26.98 -21.51 11.43
N ASN A 11 -27.85 -20.56 11.76
CA ASN A 11 -27.40 -19.18 12.04
C ASN A 11 -26.27 -19.13 13.09
N ILE A 12 -26.43 -19.86 14.18
CA ILE A 12 -25.46 -19.87 15.28
C ILE A 12 -24.18 -20.59 14.83
N LYS A 13 -24.33 -21.72 14.15
CA LYS A 13 -23.19 -22.46 13.58
C LYS A 13 -22.35 -21.57 12.67
N ARG A 14 -23.04 -20.71 11.91
CA ARG A 14 -22.37 -19.72 11.05
C ARG A 14 -21.57 -18.68 11.86
N GLU A 15 -22.21 -18.01 12.83
CA GLU A 15 -21.52 -17.03 13.70
C GLU A 15 -20.28 -17.63 14.38
N GLN A 16 -20.36 -18.90 14.78
CA GLN A 16 -19.22 -19.61 15.38
C GLN A 16 -18.07 -19.88 14.40
N GLY A 17 -18.39 -19.95 13.10
CA GLY A 17 -17.41 -20.28 12.06
C GLY A 17 -17.46 -21.72 11.57
N ASN A 18 -18.54 -22.45 11.91
CA ASN A 18 -18.74 -23.82 11.43
C ASN A 18 -19.57 -23.76 10.15
N ILE A 19 -18.91 -23.33 9.08
CA ILE A 19 -19.56 -23.00 7.80
C ILE A 19 -20.21 -24.24 7.18
N GLU A 20 -19.47 -25.34 7.16
CA GLU A 20 -19.98 -26.60 6.62
C GLU A 20 -21.27 -27.07 7.31
N GLU A 21 -21.27 -27.01 8.65
CA GLU A 21 -22.44 -27.42 9.43
C GLU A 21 -23.62 -26.47 9.19
N ALA A 22 -23.35 -25.17 9.06
CA ALA A 22 -24.41 -24.18 8.74
C ALA A 22 -25.08 -24.46 7.39
N VAL A 23 -24.26 -24.71 6.36
CA VAL A 23 -24.77 -25.02 5.00
C VAL A 23 -25.71 -26.24 5.07
N ARG A 24 -25.20 -27.29 5.68
CA ARG A 24 -25.91 -28.57 5.84
C ARG A 24 -27.28 -28.38 6.51
N LEU A 25 -27.34 -27.53 7.53
CA LEU A 25 -28.59 -27.25 8.25
C LEU A 25 -29.58 -26.36 7.45
N TYR A 26 -29.07 -25.36 6.72
CA TYR A 26 -29.98 -24.56 5.89
C TYR A 26 -30.65 -25.44 4.86
N ARG A 27 -29.88 -26.37 4.27
CA ARG A 27 -30.43 -27.31 3.28
C ARG A 27 -31.47 -28.22 3.89
N LYS A 28 -31.23 -28.66 5.13
CA LYS A 28 -32.25 -29.43 5.90
C LYS A 28 -33.53 -28.62 6.06
N ALA A 29 -33.40 -27.36 6.48
CA ALA A 29 -34.55 -26.46 6.60
C ALA A 29 -35.39 -26.37 5.34
N LEU A 30 -34.72 -26.36 4.17
CA LEU A 30 -35.39 -26.21 2.89
C LEU A 30 -36.04 -27.53 2.42
N GLU A 31 -35.45 -28.67 2.75
CA GLU A 31 -36.13 -29.98 2.58
C GLU A 31 -37.45 -30.01 3.32
N VAL A 32 -37.42 -29.59 4.57
CA VAL A 32 -38.59 -29.60 5.44
C VAL A 32 -39.59 -28.53 5.01
N PHE A 33 -39.10 -27.36 4.59
CA PHE A 33 -39.95 -26.23 4.20
C PHE A 33 -39.35 -25.48 2.98
N PRO A 34 -39.63 -25.95 1.74
CA PRO A 34 -39.09 -25.37 0.50
C PRO A 34 -39.29 -23.86 0.29
N GLU A 35 -40.46 -23.35 0.63
CA GLU A 35 -40.78 -21.92 0.47
C GLU A 35 -40.35 -21.06 1.66
N PHE A 36 -39.19 -21.33 2.23
CA PHE A 36 -38.70 -20.65 3.43
C PHE A 36 -37.75 -19.55 2.96
N ALA A 37 -38.28 -18.34 2.78
CA ALA A 37 -37.50 -17.20 2.28
C ALA A 37 -36.19 -16.97 3.05
N ALA A 38 -36.27 -16.92 4.39
CA ALA A 38 -35.09 -16.63 5.22
C ALA A 38 -34.00 -17.68 5.07
N ALA A 39 -34.38 -18.95 4.98
CA ALA A 39 -33.40 -20.03 4.85
C ALA A 39 -32.65 -19.98 3.52
N HIS A 40 -33.38 -19.67 2.44
CA HIS A 40 -32.75 -19.42 1.11
C HIS A 40 -31.71 -18.29 1.22
N SER A 41 -32.11 -17.18 1.84
CA SER A 41 -31.23 -16.00 1.95
C SER A 41 -30.01 -16.24 2.81
N ASN A 42 -30.21 -16.97 3.91
CA ASN A 42 -29.11 -17.34 4.79
C ASN A 42 -28.18 -18.34 4.12
N LEU A 43 -28.73 -19.35 3.42
CA LEU A 43 -27.92 -20.29 2.67
C LEU A 43 -27.11 -19.54 1.60
N ALA A 44 -27.79 -18.67 0.85
CA ALA A 44 -27.10 -17.81 -0.13
C ALA A 44 -25.91 -17.09 0.49
N SER A 45 -26.12 -16.49 1.66
N SER A 45 -26.10 -16.49 1.66
CA SER A 45 -25.06 -15.73 2.35
CA SER A 45 -25.04 -15.73 2.32
C SER A 45 -23.84 -16.58 2.71
C SER A 45 -23.83 -16.58 2.70
N VAL A 46 -24.06 -17.80 3.18
CA VAL A 46 -22.94 -18.71 3.48
C VAL A 46 -22.25 -19.28 2.21
N LEU A 47 -23.05 -19.58 1.18
CA LEU A 47 -22.48 -19.96 -0.11
C LEU A 47 -21.58 -18.82 -0.70
N GLN A 48 -22.01 -17.58 -0.57
CA GLN A 48 -21.22 -16.39 -0.94
C GLN A 48 -19.90 -16.35 -0.17
N GLN A 49 -19.97 -16.61 1.13
CA GLN A 49 -18.78 -16.70 1.98
C GLN A 49 -17.77 -17.77 1.48
N GLN A 50 -18.27 -18.89 0.94
CA GLN A 50 -17.43 -19.95 0.37
C GLN A 50 -17.01 -19.75 -1.08
N GLY A 51 -17.37 -18.60 -1.68
CA GLY A 51 -17.04 -18.33 -3.09
C GLY A 51 -18.03 -18.88 -4.09
N LYS A 52 -19.13 -19.49 -3.65
CA LYS A 52 -20.08 -20.10 -4.58
C LYS A 52 -21.10 -19.07 -5.01
N LEU A 53 -20.65 -18.15 -5.87
CA LEU A 53 -21.37 -16.90 -6.12
C LEU A 53 -22.64 -17.10 -6.97
N GLN A 54 -22.58 -17.94 -8.00
CA GLN A 54 -23.77 -18.25 -8.81
C GLN A 54 -24.83 -19.01 -8.02
N GLU A 55 -24.38 -20.00 -7.24
CA GLU A 55 -25.30 -20.76 -6.38
C GLU A 55 -25.95 -19.82 -5.38
N ALA A 56 -25.17 -18.93 -4.78
CA ALA A 56 -25.73 -17.88 -3.92
C ALA A 56 -26.78 -17.04 -4.61
N LEU A 57 -26.47 -16.52 -5.81
CA LEU A 57 -27.43 -15.68 -6.52
C LEU A 57 -28.75 -16.40 -6.70
N MET A 58 -28.67 -17.71 -6.99
CA MET A 58 -29.88 -18.53 -7.25
C MET A 58 -30.79 -18.55 -6.03
N HIS A 59 -30.19 -18.75 -4.85
CA HIS A 59 -30.94 -18.75 -3.59
C HIS A 59 -31.44 -17.37 -3.17
N TYR A 60 -30.65 -16.31 -3.39
CA TYR A 60 -31.18 -14.96 -3.15
C TYR A 60 -32.40 -14.66 -4.02
N LYS A 61 -32.41 -15.10 -5.28
CA LYS A 61 -33.55 -14.84 -6.15
C LYS A 61 -34.78 -15.66 -5.72
N GLU A 62 -34.55 -16.88 -5.23
CA GLU A 62 -35.64 -17.71 -4.68
C GLU A 62 -36.25 -17.05 -3.46
N ALA A 63 -35.41 -16.57 -2.54
CA ALA A 63 -35.88 -15.78 -1.39
C ALA A 63 -36.74 -14.61 -1.77
N ILE A 64 -36.32 -13.85 -2.78
CA ILE A 64 -37.08 -12.68 -3.23
C ILE A 64 -38.38 -13.12 -3.94
N ARG A 65 -38.35 -14.16 -4.77
CA ARG A 65 -39.58 -14.66 -5.41
C ARG A 65 -40.63 -15.07 -4.35
N ILE A 66 -40.18 -15.71 -3.28
CA ILE A 66 -41.05 -16.04 -2.13
C ILE A 66 -41.55 -14.81 -1.39
N SER A 67 -40.64 -13.90 -1.04
CA SER A 67 -41.02 -12.65 -0.36
C SER A 67 -40.52 -11.42 -1.13
N PRO A 68 -41.35 -10.89 -2.05
CA PRO A 68 -40.88 -9.79 -2.91
C PRO A 68 -40.35 -8.54 -2.22
N THR A 69 -40.75 -8.29 -0.97
CA THR A 69 -40.24 -7.18 -0.19
C THR A 69 -39.21 -7.59 0.89
N PHE A 70 -38.46 -8.66 0.63
CA PHE A 70 -37.38 -9.12 1.51
C PHE A 70 -36.14 -8.24 1.26
N ALA A 71 -36.14 -7.03 1.81
CA ALA A 71 -35.05 -6.03 1.62
C ALA A 71 -33.66 -6.59 1.90
N ASP A 72 -33.58 -7.45 2.92
CA ASP A 72 -32.32 -8.02 3.35
C ASP A 72 -31.71 -8.93 2.27
N ALA A 73 -32.55 -9.70 1.59
CA ALA A 73 -32.10 -10.52 0.47
C ALA A 73 -31.51 -9.69 -0.65
N TYR A 74 -32.16 -8.57 -0.97
CA TYR A 74 -31.65 -7.67 -2.01
C TYR A 74 -30.31 -7.07 -1.59
N SER A 75 -30.19 -6.69 -0.31
CA SER A 75 -28.95 -6.10 0.21
C SER A 75 -27.79 -7.08 0.12
N ASN A 76 -28.01 -8.29 0.59
CA ASN A 76 -26.98 -9.30 0.51
C ASN A 76 -26.70 -9.76 -0.94
N MET A 77 -27.71 -9.79 -1.80
CA MET A 77 -27.52 -10.07 -3.21
C MET A 77 -26.61 -9.00 -3.84
N GLY A 78 -26.85 -7.73 -3.51
CA GLY A 78 -25.98 -6.64 -3.93
C GLY A 78 -24.50 -6.84 -3.61
N ASN A 79 -24.22 -7.42 -2.44
CA ASN A 79 -22.84 -7.74 -2.02
C ASN A 79 -22.24 -8.84 -2.88
N THR A 80 -23.05 -9.83 -3.22
CA THR A 80 -22.61 -10.91 -4.09
C THR A 80 -22.26 -10.35 -5.47
N LEU A 81 -23.10 -9.49 -6.02
CA LEU A 81 -22.84 -8.89 -7.33
C LEU A 81 -21.60 -7.98 -7.32
N LYS A 82 -21.39 -7.27 -6.21
CA LYS A 82 -20.19 -6.44 -6.05
C LYS A 82 -18.95 -7.34 -6.07
N GLU A 83 -18.99 -8.47 -5.36
CA GLU A 83 -17.90 -9.45 -5.37
C GLU A 83 -17.61 -10.01 -6.78
N MET A 84 -18.63 -10.18 -7.61
CA MET A 84 -18.48 -10.54 -9.03
C MET A 84 -18.13 -9.36 -9.97
N GLN A 85 -17.76 -8.19 -9.43
CA GLN A 85 -17.45 -6.98 -10.23
C GLN A 85 -18.61 -6.41 -11.05
N ASP A 86 -19.85 -6.70 -10.67
CA ASP A 86 -21.04 -6.18 -11.34
C ASP A 86 -21.55 -5.00 -10.49
N VAL A 87 -20.89 -3.85 -10.64
CA VAL A 87 -21.20 -2.66 -9.83
C VAL A 87 -22.62 -2.15 -10.09
N GLN A 88 -23.01 -2.16 -11.35
CA GLN A 88 -24.34 -1.77 -11.77
C GLN A 88 -25.44 -2.63 -11.14
N GLY A 89 -25.25 -3.95 -11.23
CA GLY A 89 -26.15 -4.92 -10.59
C GLY A 89 -26.21 -4.69 -9.09
N ALA A 90 -25.03 -4.47 -8.49
CA ALA A 90 -24.94 -4.17 -7.07
C ALA A 90 -25.72 -2.92 -6.63
N LEU A 91 -25.58 -1.84 -7.41
CA LEU A 91 -26.32 -0.61 -7.13
C LEU A 91 -27.81 -0.77 -7.32
N GLN A 92 -28.20 -1.50 -8.35
CA GLN A 92 -29.62 -1.81 -8.57
C GLN A 92 -30.20 -2.56 -7.38
N CYS A 93 -29.46 -3.50 -6.82
CA CYS A 93 -29.92 -4.22 -5.61
C CYS A 93 -29.97 -3.38 -4.34
N TYR A 94 -28.92 -2.61 -4.08
CA TYR A 94 -28.89 -1.74 -2.89
C TYR A 94 -29.99 -0.71 -2.90
N THR A 95 -30.19 -0.08 -4.05
CA THR A 95 -31.20 0.96 -4.17
C THR A 95 -32.62 0.36 -4.07
N ARG A 96 -32.79 -0.83 -4.61
CA ARG A 96 -34.03 -1.56 -4.44
C ARG A 96 -34.32 -1.88 -2.95
N ALA A 97 -33.31 -2.35 -2.22
CA ALA A 97 -33.49 -2.62 -0.79
C ALA A 97 -33.93 -1.37 0.00
N ILE A 98 -33.31 -0.23 -0.31
CA ILE A 98 -33.59 1.05 0.39
C ILE A 98 -34.97 1.59 -0.02
N GLN A 99 -35.41 1.31 -1.25
CA GLN A 99 -36.76 1.66 -1.71
C GLN A 99 -37.82 0.85 -0.95
N ILE A 100 -37.58 -0.44 -0.80
CA ILE A 100 -38.46 -1.31 -0.01
C ILE A 100 -38.55 -0.82 1.42
N ASN A 101 -37.40 -0.52 2.01
CA ASN A 101 -37.35 -0.10 3.40
C ASN A 101 -36.29 1.00 3.61
N PRO A 102 -36.70 2.28 3.51
CA PRO A 102 -35.75 3.39 3.77
C PRO A 102 -35.11 3.43 5.15
N ALA A 103 -35.66 2.70 6.11
CA ALA A 103 -35.05 2.60 7.46
C ALA A 103 -34.15 1.38 7.67
N PHE A 104 -33.75 0.71 6.60
CA PHE A 104 -32.94 -0.51 6.73
C PHE A 104 -31.44 -0.14 6.76
N ALA A 105 -30.89 -0.07 7.96
CA ALA A 105 -29.53 0.46 8.22
C ALA A 105 -28.42 -0.27 7.45
N ASP A 106 -28.44 -1.60 7.46
CA ASP A 106 -27.44 -2.43 6.75
C ASP A 106 -27.33 -2.11 5.25
N ALA A 107 -28.47 -1.84 4.61
CA ALA A 107 -28.49 -1.53 3.17
C ALA A 107 -27.84 -0.20 2.90
N HIS A 108 -28.05 0.76 3.80
CA HIS A 108 -27.41 2.07 3.71
C HIS A 108 -25.89 1.94 3.82
N SER A 109 -25.44 1.11 4.76
CA SER A 109 -24.03 0.82 4.98
C SER A 109 -23.39 0.14 3.75
N ASN A 110 -24.09 -0.83 3.15
CA ASN A 110 -23.60 -1.49 1.93
C ASN A 110 -23.53 -0.52 0.75
N LEU A 111 -24.53 0.34 0.62
CA LEU A 111 -24.50 1.36 -0.42
C LEU A 111 -23.30 2.28 -0.18
N ALA A 112 -23.09 2.64 1.09
CA ALA A 112 -22.00 3.56 1.42
C ALA A 112 -20.67 2.97 0.99
N SER A 113 -20.47 1.69 1.30
N SER A 113 -20.45 1.68 1.30
CA SER A 113 -19.24 1.01 0.95
CA SER A 113 -19.22 1.00 0.93
C SER A 113 -18.95 1.00 -0.55
C SER A 113 -18.95 1.05 -0.57
N ILE A 114 -19.97 0.84 -1.40
CA ILE A 114 -19.76 0.86 -2.86
C ILE A 114 -19.51 2.27 -3.39
N HIS A 115 -20.11 3.28 -2.77
CA HIS A 115 -19.71 4.66 -3.04
C HIS A 115 -18.23 4.95 -2.72
N LYS A 116 -17.78 4.49 -1.56
CA LYS A 116 -16.41 4.64 -1.12
C LYS A 116 -15.46 4.00 -2.15
N ASP A 117 -15.68 2.71 -2.43
CA ASP A 117 -14.85 1.97 -3.40
C ASP A 117 -14.83 2.60 -4.78
N SER A 118 -15.92 3.24 -5.19
CA SER A 118 -15.99 3.95 -6.47
C SER A 118 -15.29 5.31 -6.46
N GLY A 119 -14.84 5.81 -5.31
CA GLY A 119 -14.22 7.15 -5.24
C GLY A 119 -15.18 8.30 -4.97
N ASN A 120 -16.34 7.99 -4.40
CA ASN A 120 -17.33 8.99 -4.05
C ASN A 120 -17.41 9.08 -2.51
N ILE A 121 -16.42 9.73 -1.92
CA ILE A 121 -16.31 9.75 -0.46
C ILE A 121 -17.44 10.56 0.20
N PRO A 122 -17.83 11.72 -0.38
CA PRO A 122 -18.90 12.47 0.26
C PRO A 122 -20.26 11.72 0.31
N GLU A 123 -20.58 10.97 -0.74
CA GLU A 123 -21.80 10.15 -0.75
C GLU A 123 -21.66 8.95 0.22
N ALA A 124 -20.46 8.40 0.36
CA ALA A 124 -20.23 7.31 1.32
C ALA A 124 -20.43 7.77 2.76
N ILE A 125 -19.85 8.92 3.10
CA ILE A 125 -20.04 9.54 4.41
C ILE A 125 -21.55 9.76 4.69
N ALA A 126 -22.25 10.37 3.73
CA ALA A 126 -23.70 10.61 3.86
C ALA A 126 -24.51 9.35 4.12
N SER A 127 -24.23 8.28 3.35
CA SER A 127 -24.93 7.00 3.53
C SER A 127 -24.56 6.32 4.84
N TYR A 128 -23.29 6.44 5.27
CA TYR A 128 -22.90 5.90 6.58
C TYR A 128 -23.60 6.62 7.76
N ARG A 129 -23.79 7.93 7.64
CA ARG A 129 -24.49 8.72 8.67
C ARG A 129 -25.98 8.40 8.72
N THR A 130 -26.59 8.18 7.56
CA THR A 130 -27.94 7.63 7.52
C THR A 130 -28.00 6.29 8.27
N ALA A 131 -27.06 5.40 7.99
CA ALA A 131 -27.04 4.09 8.67
C ALA A 131 -26.93 4.24 10.18
N LEU A 132 -26.05 5.13 10.62
CA LEU A 132 -25.82 5.36 12.06
C LEU A 132 -26.97 6.11 12.74
N LYS A 133 -27.65 6.98 12.00
CA LYS A 133 -28.89 7.58 12.48
C LYS A 133 -29.97 6.52 12.73
N LEU A 134 -30.13 5.61 11.77
CA LEU A 134 -31.10 4.53 11.88
C LEU A 134 -30.77 3.53 12.96
N LYS A 135 -29.49 3.18 13.10
CA LYS A 135 -29.03 2.20 14.08
C LYS A 135 -27.74 2.72 14.75
N PRO A 136 -27.88 3.49 15.86
CA PRO A 136 -26.68 4.13 16.43
C PRO A 136 -25.60 3.19 16.92
N ASP A 137 -25.95 1.97 17.33
CA ASP A 137 -24.96 0.93 17.65
C ASP A 137 -24.73 0.06 16.40
N PHE A 138 -23.76 0.47 15.57
CA PHE A 138 -23.46 -0.21 14.28
C PHE A 138 -21.96 -0.08 14.01
N PRO A 139 -21.14 -0.93 14.66
CA PRO A 139 -19.68 -0.83 14.60
C PRO A 139 -19.09 -0.79 13.20
N ASP A 140 -19.57 -1.65 12.29
CA ASP A 140 -19.09 -1.66 10.91
C ASP A 140 -19.23 -0.28 10.26
N ALA A 141 -20.41 0.33 10.37
CA ALA A 141 -20.67 1.63 9.77
C ALA A 141 -19.84 2.76 10.43
N TYR A 142 -19.70 2.69 11.75
CA TYR A 142 -18.90 3.68 12.49
C TYR A 142 -17.43 3.65 12.09
N CYS A 143 -16.86 2.45 12.02
CA CYS A 143 -15.44 2.31 11.69
C CYS A 143 -15.16 2.57 10.22
N ASN A 144 -16.06 2.14 9.33
CA ASN A 144 -15.90 2.48 7.91
C ASN A 144 -16.08 3.98 7.70
N LEU A 145 -17.01 4.60 8.41
CA LEU A 145 -17.16 6.05 8.36
C LEU A 145 -15.88 6.76 8.85
N ALA A 146 -15.32 6.25 9.95
CA ALA A 146 -14.11 6.84 10.51
C ALA A 146 -12.96 6.81 9.48
N HIS A 147 -12.87 5.74 8.70
CA HIS A 147 -11.86 5.68 7.61
C HIS A 147 -12.15 6.67 6.50
N CYS A 148 -13.41 6.82 6.10
CA CYS A 148 -13.76 7.86 5.12
C CYS A 148 -13.34 9.25 5.59
N LEU A 149 -13.62 9.55 6.85
CA LEU A 149 -13.27 10.84 7.41
C LEU A 149 -11.74 11.04 7.39
N GLN A 150 -11.01 9.99 7.76
CA GLN A 150 -9.52 9.96 7.70
C GLN A 150 -8.99 10.25 6.29
N ILE A 151 -9.60 9.62 5.30
CA ILE A 151 -9.22 9.76 3.90
C ILE A 151 -9.28 11.20 3.44
N VAL A 152 -10.29 11.94 3.89
CA VAL A 152 -10.42 13.34 3.49
C VAL A 152 -9.92 14.32 4.57
N CYS A 153 -9.23 13.82 5.61
CA CYS A 153 -8.73 14.68 6.70
C CYS A 153 -9.85 15.54 7.31
N ASP A 154 -10.99 14.92 7.55
CA ASP A 154 -12.05 15.53 8.34
C ASP A 154 -11.77 15.08 9.78
N TRP A 155 -11.38 16.04 10.61
CA TRP A 155 -10.94 15.76 11.97
C TRP A 155 -11.90 16.34 13.04
N THR A 156 -13.12 16.73 12.61
CA THR A 156 -14.22 17.04 13.54
C THR A 156 -14.32 15.99 14.65
N ASP A 157 -14.23 16.44 15.91
CA ASP A 157 -14.34 15.58 17.09
C ASP A 157 -13.34 14.39 17.05
N TYR A 158 -12.12 14.69 16.58
CA TYR A 158 -11.12 13.67 16.30
C TYR A 158 -10.81 12.82 17.51
N ASP A 159 -10.55 13.47 18.64
CA ASP A 159 -10.14 12.72 19.85
C ASP A 159 -11.24 11.82 20.41
N GLU A 160 -12.50 12.25 20.35
CA GLU A 160 -13.59 11.38 20.83
C GLU A 160 -13.87 10.25 19.82
N ARG A 161 -13.73 10.56 18.52
CA ARG A 161 -13.79 9.52 17.45
C ARG A 161 -12.78 8.41 17.71
N MET A 162 -11.51 8.78 17.95
CA MET A 162 -10.46 7.80 18.24
C MET A 162 -10.78 6.96 19.48
N LYS A 163 -11.22 7.64 20.56
CA LYS A 163 -11.62 6.91 21.81
C LYS A 163 -12.74 5.94 21.54
N LYS A 164 -13.69 6.36 20.72
CA LYS A 164 -14.79 5.49 20.34
C LYS A 164 -14.37 4.28 19.50
N LEU A 165 -13.42 4.46 18.58
CA LEU A 165 -12.86 3.32 17.81
C LEU A 165 -12.21 2.28 18.73
N VAL A 166 -11.42 2.75 19.68
CA VAL A 166 -10.78 1.87 20.66
C VAL A 166 -11.84 1.14 21.47
N SER A 167 -12.82 1.90 21.92
CA SER A 167 -13.93 1.37 22.72
C SER A 167 -14.68 0.26 21.97
N ILE A 168 -14.98 0.50 20.70
CA ILE A 168 -15.64 -0.51 19.87
C ILE A 168 -14.79 -1.77 19.73
N VAL A 169 -13.47 -1.61 19.57
CA VAL A 169 -12.61 -2.75 19.39
C VAL A 169 -12.50 -3.56 20.68
N ALA A 170 -12.29 -2.90 21.81
CA ALA A 170 -12.28 -3.57 23.13
C ALA A 170 -13.50 -4.44 23.26
N ASP A 171 -14.67 -3.82 23.10
CA ASP A 171 -15.96 -4.50 23.20
C ASP A 171 -16.11 -5.68 22.24
N GLN A 172 -15.67 -5.50 20.99
CA GLN A 172 -15.73 -6.55 19.99
C GLN A 172 -14.80 -7.74 20.28
N LEU A 173 -13.62 -7.45 20.81
CA LEU A 173 -12.66 -8.50 21.16
C LEU A 173 -13.14 -9.37 22.31
N GLU A 174 -13.62 -8.72 23.37
CA GLU A 174 -14.14 -9.45 24.52
C GLU A 174 -15.37 -10.32 24.21
N LYS A 175 -16.15 -9.94 23.19
CA LYS A 175 -17.29 -10.75 22.73
C LYS A 175 -16.97 -11.72 21.59
N ASN A 176 -15.69 -11.84 21.22
CA ASN A 176 -15.22 -12.65 20.09
C ASN A 176 -16.03 -12.47 18.80
N ARG A 177 -16.26 -11.21 18.47
CA ARG A 177 -16.80 -10.81 17.18
C ARG A 177 -15.61 -10.38 16.33
N LEU A 178 -15.79 -10.39 15.01
CA LEU A 178 -14.78 -9.90 14.07
C LEU A 178 -14.67 -8.38 14.29
N PRO A 179 -13.47 -7.88 14.63
CA PRO A 179 -13.35 -6.43 14.84
C PRO A 179 -13.66 -5.63 13.55
N SER A 180 -14.33 -4.50 13.74
CA SER A 180 -14.82 -3.69 12.64
C SER A 180 -13.72 -2.80 12.05
N VAL A 181 -12.63 -2.64 12.79
CA VAL A 181 -11.45 -1.95 12.29
C VAL A 181 -10.66 -2.98 11.47
N HIS A 182 -10.42 -2.67 10.21
CA HIS A 182 -9.60 -3.54 9.35
C HIS A 182 -8.12 -3.55 9.83
N PRO A 183 -7.41 -4.69 9.74
CA PRO A 183 -6.03 -4.75 10.25
C PRO A 183 -5.09 -3.74 9.63
N HIS A 184 -5.17 -3.59 8.31
CA HIS A 184 -4.46 -2.55 7.55
C HIS A 184 -4.73 -1.12 8.02
N HIS A 185 -5.97 -0.82 8.39
CA HIS A 185 -6.29 0.51 8.93
C HIS A 185 -5.89 0.75 10.39
N SER A 186 -5.64 -0.33 11.13
CA SER A 186 -5.43 -0.27 12.58
C SER A 186 -4.19 0.52 13.02
N MET A 187 -3.20 0.58 12.14
CA MET A 187 -2.01 1.42 12.34
C MET A 187 -2.31 2.92 12.49
N LEU A 188 -3.46 3.40 11.98
CA LEU A 188 -3.76 4.84 11.97
C LEU A 188 -4.43 5.37 13.24
N TYR A 189 -4.77 4.46 14.15
CA TYR A 189 -5.61 4.78 15.32
C TYR A 189 -4.82 4.42 16.57
N PRO A 190 -5.05 5.15 17.69
CA PRO A 190 -4.26 4.93 18.90
C PRO A 190 -4.71 3.72 19.71
N LEU A 191 -4.66 2.53 19.10
CA LEU A 191 -4.98 1.26 19.74
C LEU A 191 -3.71 0.73 20.39
N SER A 192 -3.86 -0.16 21.37
CA SER A 192 -2.71 -0.84 21.97
C SER A 192 -2.11 -1.83 20.96
N HIS A 193 -0.86 -2.22 21.19
CA HIS A 193 -0.20 -3.25 20.38
C HIS A 193 -0.94 -4.60 20.47
N GLY A 194 -1.43 -4.93 21.67
CA GLY A 194 -2.21 -6.14 21.88
C GLY A 194 -3.46 -6.14 21.04
N PHE A 195 -4.13 -4.98 20.98
CA PHE A 195 -5.34 -4.82 20.18
C PHE A 195 -5.04 -4.95 18.67
N ARG A 196 -3.97 -4.30 18.20
CA ARG A 196 -3.58 -4.40 16.79
C ARG A 196 -3.30 -5.84 16.42
N LYS A 197 -2.53 -6.52 17.28
CA LYS A 197 -2.25 -7.94 17.09
C LYS A 197 -3.51 -8.81 17.11
N ALA A 198 -4.43 -8.48 18.01
CA ALA A 198 -5.67 -9.25 18.14
C ALA A 198 -6.61 -9.01 16.96
N ILE A 199 -6.70 -7.77 16.48
CA ILE A 199 -7.45 -7.49 15.24
C ILE A 199 -6.92 -8.37 14.09
N ALA A 200 -5.61 -8.43 13.94
CA ALA A 200 -4.99 -9.24 12.88
C ALA A 200 -5.30 -10.71 13.04
N GLU A 201 -5.15 -11.20 14.28
CA GLU A 201 -5.41 -12.60 14.58
C GLU A 201 -6.83 -13.00 14.22
N ARG A 202 -7.81 -12.17 14.58
CA ARG A 202 -9.20 -12.49 14.29
C ARG A 202 -9.46 -12.54 12.77
N HIS A 203 -8.77 -11.70 11.99
CA HIS A 203 -8.94 -11.68 10.52
C HIS A 203 -8.29 -12.89 9.84
N GLY A 204 -7.12 -13.29 10.32
CA GLY A 204 -6.53 -14.57 9.93
C GLY A 204 -7.41 -15.76 10.22
N ASN A 205 -8.17 -15.67 11.32
CA ASN A 205 -9.07 -16.73 11.73
C ASN A 205 -10.19 -17.00 10.71
N LEU A 206 -10.70 -15.96 10.04
CA LEU A 206 -11.66 -16.16 8.93
C LEU A 206 -11.16 -17.12 7.85
N CYS A 207 -9.85 -17.09 7.58
CA CYS A 207 -9.21 -17.97 6.56
C CYS A 207 -9.13 -19.42 7.05
N LEU A 208 -8.78 -19.60 8.32
CA LEU A 208 -8.84 -20.92 8.98
C LEU A 208 -10.24 -21.56 8.92
N ASP A 209 -11.28 -20.77 9.20
CA ASP A 209 -12.66 -21.25 9.15
C ASP A 209 -13.07 -21.67 7.75
N LYS A 210 -12.60 -20.94 6.74
CA LYS A 210 -12.95 -21.23 5.35
C LYS A 210 -12.30 -22.51 4.85
N ILE A 211 -11.05 -22.78 5.25
CA ILE A 211 -10.34 -24.00 4.79
C ILE A 211 -10.81 -25.31 5.45
N ASN A 212 -11.50 -25.23 6.60
CA ASN A 212 -11.96 -26.43 7.33
C ASN A 212 -12.99 -27.27 6.58
N VAL A 213 -13.83 -26.63 5.76
CA VAL A 213 -14.74 -27.36 4.84
C VAL A 213 -14.03 -28.35 3.90
N LEU A 214 -12.77 -28.06 3.57
CA LEU A 214 -11.99 -28.88 2.63
C LEU A 214 -11.58 -30.23 3.22
N HIS A 215 -11.27 -30.26 4.53
CA HIS A 215 -10.86 -31.47 5.26
C HIS A 215 -9.52 -31.99 4.76
N LYS A 216 -8.53 -31.11 4.79
CA LYS A 216 -7.19 -31.48 4.35
C LYS A 216 -6.36 -31.87 5.57
N PRO A 217 -5.61 -32.99 5.46
CA PRO A 217 -4.68 -33.31 6.55
C PRO A 217 -3.53 -32.32 6.56
N PRO A 218 -2.62 -32.42 7.54
CA PRO A 218 -1.36 -31.73 7.35
C PRO A 218 -0.64 -32.20 6.07
N TYR A 219 0.05 -31.28 5.39
CA TYR A 219 0.96 -31.67 4.31
C TYR A 219 2.26 -32.14 4.96
N GLU A 220 2.95 -33.06 4.29
CA GLU A 220 4.31 -33.46 4.70
C GLU A 220 5.35 -32.64 3.94
N HIS A 221 6.34 -32.12 4.67
CA HIS A 221 7.28 -31.16 4.12
C HIS A 221 8.68 -31.76 3.97
N PRO A 222 9.43 -31.35 2.92
CA PRO A 222 10.85 -31.68 2.78
C PRO A 222 11.64 -31.46 4.08
N LYS A 223 12.55 -32.37 4.39
CA LYS A 223 13.50 -32.21 5.51
C LYS A 223 14.94 -31.89 5.05
N ASP A 224 15.17 -32.02 3.74
CA ASP A 224 16.45 -31.68 3.11
C ASP A 224 16.18 -31.16 1.70
N LEU A 225 17.23 -30.77 0.99
CA LEU A 225 17.11 -30.19 -0.35
C LEU A 225 17.41 -31.21 -1.47
N LYS A 226 17.18 -32.49 -1.20
CA LYS A 226 17.63 -33.56 -2.11
C LYS A 226 16.81 -33.67 -3.41
N LEU A 227 15.50 -33.49 -3.32
CA LEU A 227 14.63 -33.53 -4.51
C LEU A 227 14.83 -32.35 -5.45
N SER A 228 15.36 -31.25 -4.91
CA SER A 228 15.55 -30.00 -5.64
C SER A 228 17.03 -29.73 -5.99
N ASP A 229 17.82 -30.79 -6.18
CA ASP A 229 19.26 -30.70 -6.52
C ASP A 229 20.07 -29.72 -5.66
N GLY A 230 19.81 -29.72 -4.35
CA GLY A 230 20.47 -28.82 -3.41
C GLY A 230 19.99 -27.37 -3.41
N ARG A 231 18.87 -27.11 -4.10
CA ARG A 231 18.28 -25.76 -4.20
C ARG A 231 17.13 -25.55 -3.21
N LEU A 232 17.14 -24.41 -2.53
CA LEU A 232 16.02 -24.00 -1.70
C LEU A 232 14.92 -23.46 -2.64
N ARG A 233 13.75 -24.09 -2.62
CA ARG A 233 12.61 -23.66 -3.41
C ARG A 233 11.80 -22.59 -2.66
N VAL A 234 11.90 -21.34 -3.12
CA VAL A 234 11.22 -20.20 -2.50
C VAL A 234 10.03 -19.82 -3.37
N GLY A 235 8.89 -19.66 -2.73
CA GLY A 235 7.64 -19.31 -3.39
C GLY A 235 7.20 -17.92 -2.94
N TYR A 236 7.10 -16.98 -3.89
CA TYR A 236 6.57 -15.64 -3.63
C TYR A 236 5.11 -15.58 -4.06
N VAL A 237 4.21 -15.28 -3.12
CA VAL A 237 2.76 -15.23 -3.39
C VAL A 237 2.25 -13.80 -3.31
N SER A 238 1.66 -13.32 -4.40
CA SER A 238 1.25 -11.93 -4.46
C SER A 238 0.14 -11.70 -5.42
N SER A 239 -0.77 -10.83 -5.05
CA SER A 239 -1.78 -10.33 -6.00
C SER A 239 -1.27 -9.14 -6.81
N ASP A 240 -0.02 -8.73 -6.57
CA ASP A 240 0.52 -7.47 -7.07
C ASP A 240 1.69 -7.59 -8.07
N PHE A 241 1.75 -8.72 -8.79
CA PHE A 241 2.70 -8.87 -9.92
C PHE A 241 2.03 -8.20 -11.11
N GLY A 242 2.34 -6.94 -11.28
CA GLY A 242 1.61 -6.03 -12.16
C GLY A 242 1.91 -4.61 -11.75
N ASN A 243 1.11 -3.69 -12.23
CA ASN A 243 1.29 -2.30 -11.93
C ASN A 243 0.72 -2.05 -10.54
N HIS A 244 1.61 -2.17 -9.55
CA HIS A 244 1.29 -1.97 -8.16
C HIS A 244 2.60 -1.60 -7.46
N PRO A 245 2.55 -0.79 -6.39
CA PRO A 245 3.74 -0.43 -5.62
C PRO A 245 4.71 -1.56 -5.27
N THR A 246 4.19 -2.70 -4.90
CA THR A 246 5.05 -3.81 -4.46
C THR A 246 5.94 -4.35 -5.60
N SER A 247 5.38 -4.46 -6.80
CA SER A 247 6.19 -4.74 -8.00
C SER A 247 7.21 -3.63 -8.29
N HIS A 248 6.83 -2.36 -8.08
CA HIS A 248 7.79 -1.25 -8.23
C HIS A 248 8.94 -1.32 -7.21
N LEU A 249 8.75 -2.06 -6.12
CA LEU A 249 9.81 -2.32 -5.17
C LEU A 249 10.68 -3.54 -5.50
N MET A 250 10.05 -4.68 -5.82
CA MET A 250 10.75 -5.97 -5.85
C MET A 250 10.79 -6.68 -7.20
N GLN A 251 10.41 -6.03 -8.32
CA GLN A 251 10.35 -6.78 -9.58
C GLN A 251 11.67 -7.34 -10.07
N SER A 252 12.80 -6.79 -9.62
CA SER A 252 14.11 -7.35 -10.01
C SER A 252 14.55 -8.53 -9.14
N ILE A 253 13.91 -8.73 -7.99
CA ILE A 253 14.43 -9.71 -6.99
C ILE A 253 14.40 -11.14 -7.55
N PRO A 254 13.24 -11.61 -8.06
CA PRO A 254 13.21 -12.98 -8.59
C PRO A 254 14.34 -13.35 -9.53
N GLY A 255 14.63 -12.51 -10.52
CA GLY A 255 15.71 -12.77 -11.47
C GLY A 255 17.13 -12.62 -10.97
N MET A 256 17.31 -11.96 -9.82
CA MET A 256 18.62 -11.85 -9.18
C MET A 256 18.98 -13.02 -8.24
N HIS A 257 18.02 -13.91 -8.00
CA HIS A 257 18.30 -15.10 -7.16
C HIS A 257 19.34 -16.02 -7.82
N ASN A 258 20.22 -16.58 -6.98
CA ASN A 258 21.32 -17.46 -7.43
C ASN A 258 20.76 -18.80 -7.82
N PRO A 259 20.72 -19.09 -9.13
CA PRO A 259 20.10 -20.38 -9.48
C PRO A 259 20.87 -21.64 -9.01
N ASP A 260 22.13 -21.52 -8.58
CA ASP A 260 22.89 -22.66 -8.01
C ASP A 260 22.31 -23.10 -6.67
N LYS A 261 21.82 -22.15 -5.88
CA LYS A 261 21.32 -22.42 -4.53
C LYS A 261 19.82 -22.18 -4.33
N PHE A 262 19.12 -21.53 -5.28
CA PHE A 262 17.69 -21.24 -5.11
C PHE A 262 16.90 -21.52 -6.37
N GLU A 263 15.65 -21.93 -6.17
CA GLU A 263 14.72 -22.12 -7.27
C GLU A 263 13.48 -21.31 -6.93
N VAL A 264 13.13 -20.36 -7.81
CA VAL A 264 12.13 -19.33 -7.50
C VAL A 264 10.83 -19.59 -8.24
N PHE A 265 9.75 -19.66 -7.46
CA PHE A 265 8.41 -19.86 -7.96
C PHE A 265 7.65 -18.59 -7.60
N CYS A 266 7.05 -17.95 -8.59
CA CYS A 266 6.17 -16.81 -8.31
C CYS A 266 4.74 -17.27 -8.56
N TYR A 267 3.93 -17.19 -7.50
CA TYR A 267 2.49 -17.50 -7.56
C TYR A 267 1.68 -16.22 -7.61
N ALA A 268 1.13 -15.89 -8.77
CA ALA A 268 0.27 -14.72 -8.89
C ALA A 268 -1.16 -15.05 -8.47
N LEU A 269 -1.74 -14.16 -7.69
CA LEU A 269 -3.13 -14.24 -7.31
C LEU A 269 -4.01 -13.37 -8.17
N SER A 270 -3.42 -12.68 -9.14
CA SER A 270 -4.17 -11.78 -10.02
C SER A 270 -3.90 -12.21 -11.45
N PRO A 271 -4.86 -11.98 -12.35
CA PRO A 271 -4.57 -12.17 -13.76
C PRO A 271 -3.60 -11.13 -14.31
N ASP A 272 -3.10 -11.41 -15.50
CA ASP A 272 -2.12 -10.60 -16.20
C ASP A 272 -2.75 -9.29 -16.64
N ASP A 273 -2.24 -8.17 -16.11
CA ASP A 273 -2.76 -6.86 -16.45
C ASP A 273 -2.19 -6.27 -17.74
N GLY A 274 -1.32 -7.00 -18.44
CA GLY A 274 -0.72 -6.52 -19.68
C GLY A 274 0.51 -5.64 -19.48
N THR A 275 0.94 -5.40 -18.23
CA THR A 275 2.09 -4.50 -17.99
C THR A 275 3.45 -5.18 -18.00
N ASN A 276 4.47 -4.38 -18.26
CA ASN A 276 5.86 -4.84 -18.23
C ASN A 276 6.29 -5.38 -16.87
N PHE A 277 5.69 -4.89 -15.78
CA PHE A 277 5.95 -5.42 -14.46
C PHE A 277 5.67 -6.93 -14.40
N ARG A 278 4.51 -7.30 -14.90
CA ARG A 278 4.09 -8.69 -14.95
C ARG A 278 4.99 -9.47 -15.92
N VAL A 279 5.30 -8.89 -17.08
CA VAL A 279 6.16 -9.53 -18.10
C VAL A 279 7.50 -9.91 -17.52
N LYS A 280 8.08 -8.98 -16.72
CA LYS A 280 9.41 -9.15 -16.16
C LYS A 280 9.48 -10.27 -15.13
N VAL A 281 8.51 -10.34 -14.24
CA VAL A 281 8.53 -11.39 -13.21
C VAL A 281 8.23 -12.76 -13.86
N MET A 282 7.37 -12.77 -14.87
CA MET A 282 7.09 -14.01 -15.60
C MET A 282 8.33 -14.51 -16.33
N ALA A 283 9.07 -13.60 -16.94
CA ALA A 283 10.27 -13.96 -17.68
C ALA A 283 11.38 -14.42 -16.78
N GLU A 284 11.54 -13.78 -15.62
CA GLU A 284 12.76 -13.94 -14.84
C GLU A 284 12.64 -14.94 -13.68
N ALA A 285 11.45 -15.16 -13.16
CA ALA A 285 11.27 -16.21 -12.14
C ALA A 285 11.57 -17.57 -12.81
N ASN A 286 12.13 -18.51 -12.08
CA ASN A 286 12.35 -19.85 -12.65
C ASN A 286 11.02 -20.45 -13.06
N HIS A 287 9.98 -20.20 -12.27
CA HIS A 287 8.64 -20.73 -12.52
C HIS A 287 7.62 -19.65 -12.17
N PHE A 288 6.63 -19.47 -13.04
CA PHE A 288 5.54 -18.56 -12.78
C PHE A 288 4.20 -19.29 -12.91
N ILE A 289 3.41 -19.27 -11.83
CA ILE A 289 2.10 -19.95 -11.75
C ILE A 289 1.00 -18.95 -11.48
N ASP A 290 0.01 -18.93 -12.35
CA ASP A 290 -1.14 -18.02 -12.23
C ASP A 290 -2.27 -18.70 -11.43
N LEU A 291 -2.25 -18.51 -10.11
CA LEU A 291 -3.31 -19.02 -9.25
C LEU A 291 -4.66 -18.31 -9.39
N SER A 292 -4.73 -17.18 -10.10
CA SER A 292 -6.02 -16.54 -10.37
C SER A 292 -6.91 -17.45 -11.23
N GLN A 293 -6.28 -18.36 -11.98
CA GLN A 293 -6.98 -19.41 -12.75
C GLN A 293 -7.44 -20.63 -11.93
N ILE A 294 -6.96 -20.74 -10.69
CA ILE A 294 -7.29 -21.81 -9.76
C ILE A 294 -8.06 -21.23 -8.54
N PRO A 295 -9.35 -20.85 -8.73
CA PRO A 295 -10.18 -20.26 -7.65
C PRO A 295 -10.26 -21.05 -6.34
N CYS A 296 -10.41 -22.37 -6.44
CA CYS A 296 -10.47 -23.22 -5.24
C CYS A 296 -9.14 -23.29 -4.51
N ASN A 297 -9.16 -22.86 -3.25
CA ASN A 297 -7.96 -22.77 -2.42
C ASN A 297 -7.35 -24.11 -2.06
N GLY A 298 -8.13 -25.18 -2.14
CA GLY A 298 -7.60 -26.52 -1.93
C GLY A 298 -6.68 -26.96 -3.06
N LYS A 299 -7.17 -26.84 -4.30
CA LYS A 299 -6.43 -27.24 -5.50
C LYS A 299 -5.23 -26.31 -5.70
N ALA A 300 -5.42 -25.00 -5.45
CA ALA A 300 -4.34 -24.03 -5.52
C ALA A 300 -3.23 -24.34 -4.51
N ALA A 301 -3.59 -24.68 -3.28
CA ALA A 301 -2.59 -25.04 -2.25
C ALA A 301 -1.85 -26.34 -2.54
N ASP A 302 -2.51 -27.27 -3.23
CA ASP A 302 -1.88 -28.55 -3.57
C ASP A 302 -0.71 -28.32 -4.53
N ARG A 303 -0.96 -27.50 -5.55
CA ARG A 303 0.10 -27.09 -6.47
C ARG A 303 1.36 -26.57 -5.76
N ILE A 304 1.20 -25.76 -4.73
CA ILE A 304 2.34 -25.23 -3.99
C ILE A 304 3.10 -26.35 -3.26
N HIS A 305 2.36 -27.33 -2.75
CA HIS A 305 2.97 -28.48 -2.08
C HIS A 305 3.77 -29.37 -3.04
N GLN A 306 3.20 -29.65 -4.20
CA GLN A 306 3.85 -30.51 -5.20
C GLN A 306 4.93 -29.80 -6.03
N ASP A 307 4.97 -28.46 -5.99
CA ASP A 307 6.15 -27.74 -6.45
C ASP A 307 7.29 -27.94 -5.46
N GLY A 308 6.96 -28.28 -4.23
CA GLY A 308 7.94 -28.67 -3.23
C GLY A 308 8.57 -27.50 -2.52
N ILE A 309 7.78 -26.44 -2.31
CA ILE A 309 8.29 -25.19 -1.76
C ILE A 309 8.82 -25.41 -0.33
N HIS A 310 9.92 -24.75 -0.02
CA HIS A 310 10.51 -24.79 1.31
C HIS A 310 10.08 -23.54 2.10
N ILE A 311 10.22 -22.35 1.52
CA ILE A 311 9.78 -21.10 2.14
C ILE A 311 8.71 -20.48 1.27
N LEU A 312 7.50 -20.34 1.81
CA LEU A 312 6.40 -19.63 1.13
C LEU A 312 6.30 -18.21 1.69
N VAL A 313 6.34 -17.22 0.79
CA VAL A 313 6.46 -15.82 1.22
C VAL A 313 5.17 -15.08 0.90
N ASN A 314 4.58 -14.52 1.96
CA ASN A 314 3.31 -13.81 1.90
C ASN A 314 3.57 -12.34 1.65
N MET A 315 3.24 -11.90 0.44
CA MET A 315 3.44 -10.50 0.06
C MET A 315 2.20 -9.63 0.18
N ASN A 316 1.07 -10.20 0.56
CA ASN A 316 -0.17 -9.45 0.68
C ASN A 316 -0.51 -9.04 2.11
N GLY A 317 -0.36 -9.95 3.07
CA GLY A 317 -0.98 -9.78 4.39
C GLY A 317 -2.47 -9.52 4.19
N TYR A 318 -3.00 -8.51 4.88
CA TYR A 318 -4.42 -8.16 4.79
C TYR A 318 -4.63 -6.97 3.83
N THR A 319 -4.12 -7.11 2.62
CA THR A 319 -4.36 -6.16 1.55
C THR A 319 -5.25 -6.80 0.50
N LYS A 320 -5.76 -5.96 -0.39
CA LYS A 320 -6.68 -6.41 -1.44
C LYS A 320 -6.04 -7.48 -2.30
N GLY A 321 -6.85 -8.48 -2.64
CA GLY A 321 -6.43 -9.61 -3.46
C GLY A 321 -5.72 -10.73 -2.73
N ALA A 322 -5.56 -10.61 -1.40
CA ALA A 322 -4.90 -11.68 -0.63
C ALA A 322 -5.69 -12.99 -0.70
N ARG A 323 -4.97 -14.11 -0.54
CA ARG A 323 -5.60 -15.43 -0.39
C ARG A 323 -4.80 -16.12 0.69
N ASN A 324 -4.99 -15.66 1.92
CA ASN A 324 -4.28 -16.21 3.06
C ASN A 324 -4.83 -17.60 3.49
N GLU A 325 -5.96 -18.01 2.91
CA GLU A 325 -6.41 -19.40 2.92
C GLU A 325 -5.32 -20.34 2.39
N LEU A 326 -4.57 -19.89 1.38
CA LEU A 326 -3.42 -20.64 0.86
C LEU A 326 -2.42 -20.90 1.98
N PHE A 327 -2.10 -19.87 2.78
CA PHE A 327 -1.13 -20.03 3.90
C PHE A 327 -1.74 -20.73 5.14
N ALA A 328 -3.05 -20.63 5.32
CA ALA A 328 -3.74 -21.34 6.40
C ALA A 328 -3.55 -22.86 6.24
N LEU A 329 -3.60 -23.34 4.99
CA LEU A 329 -3.36 -24.75 4.67
C LEU A 329 -1.90 -25.25 4.83
N ARG A 330 -0.97 -24.39 5.28
CA ARG A 330 0.47 -24.71 5.42
C ARG A 330 1.08 -25.66 4.38
N PRO A 331 1.07 -25.29 3.08
CA PRO A 331 1.67 -26.17 2.07
C PRO A 331 3.20 -26.21 2.07
N ALA A 332 3.85 -25.50 2.98
CA ALA A 332 5.29 -25.36 3.02
C ALA A 332 5.73 -25.26 4.47
N PRO A 333 6.94 -25.75 4.79
CA PRO A 333 7.42 -25.81 6.18
C PRO A 333 7.82 -24.50 6.81
N ILE A 334 8.01 -23.47 6.01
CA ILE A 334 8.35 -22.16 6.53
C ILE A 334 7.51 -21.16 5.74
N GLN A 335 6.83 -20.27 6.47
CA GLN A 335 5.94 -19.31 5.85
C GLN A 335 6.30 -17.95 6.42
N ALA A 336 6.70 -17.02 5.55
CA ALA A 336 7.18 -15.70 5.99
C ALA A 336 6.43 -14.54 5.34
N MET A 337 6.23 -13.49 6.13
CA MET A 337 5.62 -12.25 5.69
C MET A 337 6.75 -11.38 5.17
N TRP A 338 6.57 -10.79 3.99
CA TRP A 338 7.63 -9.96 3.42
C TRP A 338 7.13 -8.80 2.55
N LEU A 339 7.48 -7.60 2.98
CA LEU A 339 7.54 -6.37 2.17
C LEU A 339 6.20 -5.71 1.85
N GLY A 340 5.21 -6.48 1.41
CA GLY A 340 3.96 -5.92 0.96
C GLY A 340 3.02 -5.45 2.06
N TYR A 341 3.10 -6.06 3.24
CA TYR A 341 2.21 -5.71 4.35
C TYR A 341 3.00 -5.17 5.56
N PRO A 342 2.75 -3.90 5.94
CA PRO A 342 3.47 -3.25 7.00
C PRO A 342 2.81 -3.47 8.35
N GLY A 343 2.61 -4.73 8.72
CA GLY A 343 2.09 -5.10 10.04
C GLY A 343 2.20 -6.59 10.26
N THR A 344 1.73 -7.05 11.42
CA THR A 344 1.72 -8.50 11.73
C THR A 344 0.47 -9.16 11.15
N SER A 345 0.55 -10.47 10.87
CA SER A 345 -0.62 -11.25 10.46
C SER A 345 -1.49 -11.67 11.62
N GLY A 346 -0.91 -11.66 12.83
CA GLY A 346 -1.55 -12.20 14.02
C GLY A 346 -1.84 -13.68 13.99
N ALA A 347 -1.40 -14.38 12.94
CA ALA A 347 -1.83 -15.74 12.67
C ALA A 347 -0.74 -16.71 13.08
N LEU A 348 -1.16 -17.88 13.55
CA LEU A 348 -0.23 -18.97 13.88
C LEU A 348 0.38 -19.57 12.61
N PHE A 349 -0.35 -19.50 11.50
CA PHE A 349 0.09 -20.09 10.23
C PHE A 349 1.24 -19.36 9.55
N MET A 350 1.63 -18.18 10.03
CA MET A 350 2.83 -17.47 9.55
C MET A 350 3.95 -17.55 10.58
N ASP A 351 5.12 -18.00 10.15
CA ASP A 351 6.25 -18.30 11.04
C ASP A 351 7.15 -17.11 11.34
N TYR A 352 7.56 -16.39 10.30
CA TYR A 352 8.43 -15.22 10.44
C TYR A 352 7.81 -14.00 9.75
N ILE A 353 8.28 -12.84 10.18
CA ILE A 353 8.10 -11.60 9.46
C ILE A 353 9.51 -11.07 9.16
N ILE A 354 9.78 -10.77 7.89
CA ILE A 354 11.09 -10.28 7.47
C ILE A 354 11.09 -8.77 7.63
N THR A 355 11.98 -8.29 8.50
CA THR A 355 11.99 -6.90 8.92
C THR A 355 13.42 -6.57 9.25
N ASP A 356 13.65 -5.62 10.14
CA ASP A 356 15.00 -5.26 10.55
C ASP A 356 15.01 -4.61 11.93
N GLN A 357 16.21 -4.34 12.43
CA GLN A 357 16.44 -3.85 13.78
C GLN A 357 15.82 -2.46 13.99
N GLU A 358 16.00 -1.57 13.00
CA GLU A 358 15.44 -0.22 13.08
C GLU A 358 13.91 -0.22 13.03
N THR A 359 13.36 -1.04 12.13
CA THR A 359 11.92 -1.09 11.90
C THR A 359 11.19 -1.77 13.06
N SER A 360 11.74 -2.91 13.49
CA SER A 360 11.13 -3.72 14.53
C SER A 360 12.17 -4.12 15.59
N PRO A 361 12.57 -3.17 16.47
CA PRO A 361 13.56 -3.51 17.49
C PRO A 361 13.03 -4.58 18.45
N ALA A 362 13.94 -5.40 18.99
CA ALA A 362 13.57 -6.59 19.77
C ALA A 362 12.61 -6.29 20.92
N GLU A 363 12.77 -5.11 21.52
CA GLU A 363 11.89 -4.59 22.59
C GLU A 363 10.42 -4.76 22.23
N VAL A 364 9.99 -4.11 21.14
CA VAL A 364 8.57 -4.15 20.70
C VAL A 364 8.17 -5.45 19.95
N ALA A 365 8.85 -6.58 20.23
CA ALA A 365 8.56 -7.86 19.55
C ALA A 365 7.17 -8.47 19.84
N GLU A 366 6.45 -7.94 20.83
CA GLU A 366 5.11 -8.45 21.13
C GLU A 366 4.01 -7.79 20.30
N GLN A 367 4.37 -6.77 19.50
CA GLN A 367 3.55 -6.34 18.34
C GLN A 367 3.20 -7.50 17.41
N TYR A 368 4.15 -8.42 17.22
CA TYR A 368 4.10 -9.46 16.19
C TYR A 368 3.78 -10.86 16.73
N SER A 369 2.90 -11.58 16.06
CA SER A 369 2.69 -13.00 16.29
C SER A 369 3.82 -13.85 15.73
N GLU A 370 4.52 -13.32 14.74
CA GLU A 370 5.64 -14.00 14.09
C GLU A 370 6.93 -13.77 14.87
N LYS A 371 7.92 -14.64 14.62
CA LYS A 371 9.30 -14.39 15.03
C LYS A 371 9.92 -13.37 14.10
N LEU A 372 10.76 -12.50 14.65
CA LEU A 372 11.52 -11.50 13.87
C LEU A 372 12.64 -12.17 13.09
N ALA A 373 12.71 -11.87 11.79
CA ALA A 373 13.82 -12.28 10.92
C ALA A 373 14.46 -11.02 10.31
N TYR A 374 15.62 -10.66 10.84
CA TYR A 374 16.29 -9.41 10.52
C TYR A 374 17.10 -9.49 9.22
N MET A 375 16.84 -8.56 8.31
CA MET A 375 17.77 -8.23 7.26
C MET A 375 18.81 -7.31 7.89
N PRO A 376 20.04 -7.32 7.38
CA PRO A 376 21.11 -6.57 8.07
C PRO A 376 21.04 -5.05 7.97
N HIS A 377 20.36 -4.51 6.96
CA HIS A 377 20.28 -3.05 6.81
C HIS A 377 18.81 -2.62 6.95
N THR A 378 18.06 -2.53 5.85
CA THR A 378 16.61 -2.40 5.95
C THR A 378 15.99 -3.56 5.18
N PHE A 379 14.81 -3.96 5.63
CA PHE A 379 14.01 -4.92 4.86
C PHE A 379 13.42 -4.27 3.61
N PHE A 380 13.42 -2.96 3.57
CA PHE A 380 12.89 -2.22 2.44
C PHE A 380 13.86 -2.23 1.24
N ILE A 381 13.28 -2.25 0.06
CA ILE A 381 14.04 -2.24 -1.17
C ILE A 381 13.18 -1.51 -2.18
N GLY A 382 13.82 -0.99 -3.23
CA GLY A 382 13.11 -0.27 -4.31
C GLY A 382 13.75 -0.59 -5.64
N ASP A 383 12.95 -0.62 -6.70
CA ASP A 383 13.50 -0.93 -8.03
C ASP A 383 13.94 0.32 -8.79
N HIS A 384 14.19 1.41 -8.07
CA HIS A 384 14.36 2.72 -8.70
C HIS A 384 15.60 2.77 -9.60
N ALA A 385 16.65 2.04 -9.26
CA ALA A 385 17.87 2.11 -10.09
C ALA A 385 17.63 1.51 -11.49
N ASN A 386 16.75 0.52 -11.59
CA ASN A 386 16.36 -0.09 -12.86
C ASN A 386 15.22 0.68 -13.54
N MET A 387 14.25 1.16 -12.76
CA MET A 387 13.10 1.84 -13.34
C MET A 387 13.36 3.26 -13.78
N PHE A 388 14.16 4.01 -13.00
CA PHE A 388 14.42 5.41 -13.27
C PHE A 388 15.92 5.77 -13.32
N PRO A 389 16.69 5.11 -14.20
CA PRO A 389 18.13 5.37 -14.28
C PRO A 389 18.45 6.74 -14.85
N HIS A 390 17.49 7.32 -15.58
CA HIS A 390 17.58 8.70 -16.05
C HIS A 390 17.61 9.75 -14.94
N LEU A 391 17.30 9.39 -13.69
CA LEU A 391 17.37 10.33 -12.57
C LEU A 391 18.66 10.19 -11.81
N LYS A 392 19.56 9.32 -12.29
CA LYS A 392 20.81 9.09 -11.61
C LYS A 392 21.70 10.34 -11.67
N LYS A 393 21.59 11.11 -12.75
CA LYS A 393 22.30 12.34 -12.92
C LYS A 393 21.30 13.41 -13.33
N LYS A 394 21.67 14.67 -13.08
CA LYS A 394 20.86 15.82 -13.47
C LYS A 394 21.73 16.97 -13.93
N ALA A 395 21.12 17.87 -14.70
CA ALA A 395 21.67 19.18 -15.01
C ALA A 395 20.62 20.25 -14.68
N VAL A 396 21.07 21.48 -14.50
CA VAL A 396 20.17 22.61 -14.29
C VAL A 396 20.37 23.73 -15.29
N ILE A 397 19.39 24.62 -15.34
CA ILE A 397 19.48 25.87 -16.10
C ILE A 397 19.56 27.00 -15.05
N ASP A 398 20.62 27.80 -15.14
CA ASP A 398 20.82 28.95 -14.26
C ASP A 398 20.00 30.13 -14.79
N PHE A 399 18.80 30.30 -14.22
CA PHE A 399 17.84 31.33 -14.65
C PHE A 399 18.29 32.76 -14.27
N LYS A 400 18.75 32.93 -13.02
CA LYS A 400 19.31 34.21 -12.55
C LYS A 400 20.82 34.29 -12.74
N ILE A 405 23.30 29.82 -7.85
CA ILE A 405 22.95 28.59 -8.58
C ILE A 405 22.16 27.56 -7.74
N TYR A 406 20.95 27.26 -8.21
CA TYR A 406 20.07 26.30 -7.55
C TYR A 406 20.12 24.92 -8.21
N ASP A 407 20.04 23.86 -7.39
CA ASP A 407 19.95 22.47 -7.87
C ASP A 407 18.50 21.95 -8.18
N ASN A 408 17.48 22.78 -7.98
CA ASN A 408 16.10 22.28 -7.91
C ASN A 408 15.02 23.25 -8.37
N ARG A 409 15.37 24.09 -9.34
CA ARG A 409 14.44 25.07 -9.89
C ARG A 409 14.04 24.72 -11.32
N ILE A 410 15.04 24.45 -12.15
CA ILE A 410 14.85 24.01 -13.51
C ILE A 410 15.82 22.87 -13.72
N VAL A 411 15.27 21.67 -13.88
CA VAL A 411 16.07 20.44 -13.87
C VAL A 411 15.94 19.68 -15.19
N LEU A 412 17.06 19.17 -15.69
CA LEU A 412 17.08 18.28 -16.84
C LEU A 412 17.60 16.90 -16.42
N ASN A 413 16.96 15.86 -16.95
CA ASN A 413 17.36 14.46 -16.77
C ASN A 413 17.23 13.75 -18.10
N GLY A 414 18.17 12.87 -18.40
CA GLY A 414 17.99 11.95 -19.51
C GLY A 414 19.18 11.03 -19.70
N ILE A 415 18.90 9.87 -20.28
CA ILE A 415 19.95 8.91 -20.61
C ILE A 415 21.01 9.54 -21.53
N ASP A 416 20.58 10.36 -22.48
CA ASP A 416 21.49 11.07 -23.39
C ASP A 416 21.84 12.53 -22.96
N LEU A 417 21.70 12.84 -21.68
CA LEU A 417 21.97 14.20 -21.15
C LEU A 417 23.42 14.65 -21.44
N LYS A 418 24.38 13.80 -21.10
CA LYS A 418 25.80 14.04 -21.37
C LYS A 418 26.07 14.54 -22.80
N ALA A 419 25.52 13.84 -23.79
CA ALA A 419 25.73 14.17 -25.18
C ALA A 419 25.09 15.49 -25.57
N PHE A 420 23.90 15.75 -25.04
CA PHE A 420 23.25 17.04 -25.22
C PHE A 420 24.08 18.19 -24.63
N LEU A 421 24.53 18.02 -23.39
CA LEU A 421 25.37 19.04 -22.73
C LEU A 421 26.69 19.28 -23.51
N ASP A 422 27.33 18.22 -23.98
CA ASP A 422 28.54 18.34 -24.80
C ASP A 422 28.30 19.08 -26.12
N SER A 423 27.07 19.09 -26.65
CA SER A 423 26.74 19.87 -27.84
C SER A 423 26.59 21.39 -27.60
N LEU A 424 26.61 21.81 -26.34
CA LEU A 424 26.37 23.21 -25.99
C LEU A 424 27.67 23.96 -25.71
N PRO A 425 27.71 25.27 -26.05
CA PRO A 425 28.95 26.04 -25.92
C PRO A 425 29.47 26.24 -24.49
N ASP A 426 28.63 26.72 -23.57
CA ASP A 426 29.14 27.35 -22.32
C ASP A 426 28.73 26.68 -21.00
N VAL A 427 28.88 25.36 -20.94
CA VAL A 427 28.43 24.60 -19.77
C VAL A 427 29.41 24.65 -18.61
N LYS A 428 28.91 25.00 -17.44
CA LYS A 428 29.71 25.08 -16.21
C LYS A 428 29.47 23.86 -15.33
N ILE A 429 30.54 23.30 -14.79
CA ILE A 429 30.48 22.07 -14.00
C ILE A 429 30.70 22.40 -12.52
N VAL A 430 29.65 22.30 -11.70
CA VAL A 430 29.76 22.55 -10.26
C VAL A 430 30.06 21.22 -9.55
N LYS A 431 31.16 21.15 -8.82
CA LYS A 431 31.46 20.00 -7.96
C LYS A 431 30.51 20.05 -6.79
N MET A 432 30.17 18.88 -6.25
CA MET A 432 29.06 18.76 -5.29
C MET A 432 29.51 18.70 -3.83
N LEU A 448 28.93 13.32 -7.84
CA LEU A 448 30.19 14.04 -8.08
C LEU A 448 30.00 15.46 -8.66
N ASN A 449 29.16 15.65 -9.69
CA ASN A 449 28.98 17.01 -10.26
C ASN A 449 27.65 17.35 -10.97
N MET A 450 27.39 18.65 -11.05
CA MET A 450 26.16 19.18 -11.59
C MET A 450 26.45 20.19 -12.69
N PRO A 451 26.23 19.80 -13.96
CA PRO A 451 26.30 20.73 -15.08
C PRO A 451 25.25 21.80 -15.01
N VAL A 452 25.67 23.03 -15.35
CA VAL A 452 24.81 24.20 -15.30
C VAL A 452 24.81 24.87 -16.66
N ILE A 453 23.64 24.91 -17.29
CA ILE A 453 23.47 25.58 -18.55
C ILE A 453 23.17 27.05 -18.20
N PRO A 454 23.96 27.99 -18.77
CA PRO A 454 23.71 29.41 -18.48
C PRO A 454 22.59 29.98 -19.36
N MET A 455 22.06 31.12 -18.93
CA MET A 455 20.98 31.80 -19.65
C MET A 455 21.47 32.23 -21.03
N ASN A 456 20.70 31.90 -22.05
CA ASN A 456 21.24 31.65 -23.38
C ASN A 456 20.06 31.45 -24.31
N THR A 457 20.27 31.56 -25.62
CA THR A 457 19.24 31.25 -26.63
C THR A 457 18.62 29.86 -26.40
N ILE A 458 19.50 28.86 -26.19
CA ILE A 458 19.10 27.47 -25.89
C ILE A 458 18.31 27.37 -24.59
N ALA A 459 18.90 27.92 -23.52
CA ALA A 459 18.24 28.03 -22.21
C ALA A 459 16.89 28.75 -22.27
N GLU A 460 16.79 29.75 -23.15
CA GLU A 460 15.55 30.52 -23.35
C GLU A 460 14.51 29.76 -24.15
N ALA A 461 14.96 29.00 -25.16
CA ALA A 461 14.07 28.10 -25.91
C ALA A 461 13.41 27.05 -24.98
N VAL A 462 14.18 26.51 -24.03
CA VAL A 462 13.66 25.52 -23.09
C VAL A 462 12.59 26.14 -22.20
N ILE A 463 12.90 27.30 -21.65
CA ILE A 463 12.00 27.96 -20.69
C ILE A 463 10.71 28.37 -21.39
N GLU A 464 10.80 28.70 -22.68
CA GLU A 464 9.62 29.05 -23.46
C GLU A 464 8.71 27.85 -23.67
N MET A 465 9.28 26.68 -23.99
CA MET A 465 8.46 25.44 -24.07
C MET A 465 7.66 25.23 -22.77
N ILE A 466 8.35 25.39 -21.64
CA ILE A 466 7.72 25.19 -20.33
C ILE A 466 6.60 26.23 -20.09
N ASN A 467 6.92 27.52 -20.26
CA ASN A 467 5.93 28.59 -19.99
C ASN A 467 4.70 28.52 -20.87
N ARG A 468 4.86 28.07 -22.10
CA ARG A 468 3.73 27.91 -22.99
C ARG A 468 3.03 26.55 -22.91
N GLY A 469 3.49 25.67 -22.03
CA GLY A 469 2.91 24.32 -21.91
C GLY A 469 2.98 23.49 -23.19
N GLN A 470 4.05 23.68 -23.95
CA GLN A 470 4.27 22.85 -25.15
C GLN A 470 4.83 21.46 -24.78
N ILE A 471 4.61 20.50 -25.67
CA ILE A 471 4.91 19.09 -25.40
C ILE A 471 6.41 18.80 -25.46
N GLN A 472 7.06 19.30 -26.49
CA GLN A 472 8.48 19.00 -26.73
C GLN A 472 9.08 19.97 -27.76
N ILE A 473 10.40 20.10 -27.75
CA ILE A 473 11.14 20.79 -28.80
C ILE A 473 12.37 19.97 -29.18
N THR A 474 13.12 20.47 -30.17
CA THR A 474 14.38 19.89 -30.62
C THR A 474 15.49 20.91 -30.50
N ILE A 475 16.56 20.57 -29.80
CA ILE A 475 17.74 21.41 -29.77
C ILE A 475 18.96 20.60 -30.20
N ASN A 476 19.63 21.04 -31.26
CA ASN A 476 20.82 20.37 -31.80
C ASN A 476 20.58 18.87 -32.12
N GLY A 477 19.39 18.55 -32.61
CA GLY A 477 19.00 17.17 -32.89
C GLY A 477 18.47 16.37 -31.68
N PHE A 478 18.64 16.88 -30.47
CA PHE A 478 18.15 16.19 -29.26
C PHE A 478 16.68 16.46 -29.01
N SER A 479 15.94 15.42 -28.60
CA SER A 479 14.53 15.57 -28.20
C SER A 479 14.50 16.04 -26.75
N ILE A 480 13.79 17.14 -26.51
CA ILE A 480 13.70 17.79 -25.22
C ILE A 480 12.21 17.85 -24.90
N SER A 481 11.79 17.11 -23.86
CA SER A 481 10.38 16.88 -23.55
C SER A 481 9.95 17.70 -22.31
N ASN A 482 8.72 18.17 -22.33
CA ASN A 482 8.11 18.80 -21.17
C ASN A 482 7.69 17.68 -20.21
N GLY A 483 8.20 17.73 -18.99
CA GLY A 483 7.87 16.77 -17.94
C GLY A 483 6.40 16.61 -17.57
N LEU A 484 5.54 17.57 -17.95
CA LEU A 484 4.10 17.43 -17.76
C LEU A 484 3.40 16.66 -18.87
N ALA A 485 4.12 16.34 -19.96
CA ALA A 485 3.53 15.72 -21.13
C ALA A 485 3.97 14.28 -21.41
N THR A 486 4.51 13.58 -20.41
CA THR A 486 5.11 12.26 -20.65
C THR A 486 4.09 11.21 -21.18
N THR A 487 2.84 11.23 -20.70
CA THR A 487 1.86 10.25 -21.21
C THR A 487 1.53 10.44 -22.70
N GLN A 488 1.68 11.67 -23.20
CA GLN A 488 1.49 11.97 -24.62
C GLN A 488 2.70 11.55 -25.47
N ILE A 489 3.88 11.58 -24.90
CA ILE A 489 5.11 11.19 -25.60
C ILE A 489 5.31 9.66 -25.59
N ASN A 490 5.20 9.06 -24.41
CA ASN A 490 5.45 7.63 -24.25
C ASN A 490 4.80 7.19 -22.96
N ASN A 491 3.62 6.59 -23.08
CA ASN A 491 2.84 6.25 -21.89
C ASN A 491 3.48 5.16 -21.03
N LYS A 492 4.23 4.25 -21.63
CA LYS A 492 5.04 3.29 -20.85
C LYS A 492 6.22 3.92 -20.07
N ALA A 493 6.81 4.98 -20.60
CA ALA A 493 7.79 5.74 -19.83
C ALA A 493 7.10 6.47 -18.66
N ALA A 494 5.88 6.98 -18.88
CA ALA A 494 5.13 7.64 -17.80
C ALA A 494 4.84 6.72 -16.61
N THR A 495 4.55 5.46 -16.89
CA THR A 495 4.21 4.50 -15.82
C THR A 495 5.40 3.84 -15.14
N GLY A 496 6.63 4.09 -15.63
CA GLY A 496 7.83 3.39 -15.19
C GLY A 496 8.01 2.01 -15.82
N GLU A 497 7.19 1.67 -16.82
CA GLU A 497 7.36 0.38 -17.55
C GLU A 497 8.52 0.38 -18.55
N GLU A 498 8.91 1.56 -19.02
CA GLU A 498 10.04 1.77 -19.94
C GLU A 498 10.84 2.95 -19.39
N VAL A 499 12.15 2.95 -19.65
CA VAL A 499 12.98 4.12 -19.33
C VAL A 499 12.72 5.19 -20.43
N PRO A 500 12.51 6.46 -20.03
CA PRO A 500 12.33 7.49 -21.07
C PRO A 500 13.47 7.54 -22.06
N ARG A 501 13.17 7.77 -23.33
CA ARG A 501 14.18 7.85 -24.38
C ARG A 501 14.44 9.30 -24.85
N THR A 502 13.87 10.27 -24.13
CA THR A 502 14.08 11.68 -24.40
C THR A 502 14.66 12.35 -23.16
N ILE A 503 15.21 13.53 -23.32
CA ILE A 503 15.63 14.35 -22.20
C ILE A 503 14.39 15.09 -21.70
N ILE A 504 14.14 15.03 -20.40
CA ILE A 504 12.97 15.64 -19.79
C ILE A 504 13.35 16.90 -18.96
N VAL A 505 12.50 17.91 -19.03
CA VAL A 505 12.65 19.17 -18.28
C VAL A 505 11.55 19.24 -17.22
N THR A 506 11.96 19.56 -16.00
CA THR A 506 11.10 19.61 -14.84
C THR A 506 11.36 20.97 -14.16
N THR A 507 10.31 21.70 -13.80
CA THR A 507 10.51 23.01 -13.16
C THR A 507 9.50 23.31 -12.07
N ARG A 508 9.93 24.13 -11.13
CA ARG A 508 9.04 24.70 -10.12
C ARG A 508 7.88 25.51 -10.70
N SER A 509 8.14 26.24 -11.77
CA SER A 509 7.08 27.02 -12.41
C SER A 509 5.95 26.14 -12.91
N GLN A 510 6.23 24.91 -13.37
CA GLN A 510 5.18 23.95 -13.81
C GLN A 510 4.15 23.63 -12.74
N TYR A 511 4.57 23.61 -11.49
CA TYR A 511 3.72 23.23 -10.36
C TYR A 511 3.33 24.42 -9.46
N GLY A 512 3.55 25.63 -9.93
CA GLY A 512 3.29 26.87 -9.17
C GLY A 512 4.07 26.98 -7.88
N LEU A 513 5.29 26.46 -7.84
CA LEU A 513 6.11 26.52 -6.63
C LEU A 513 7.01 27.77 -6.69
N PRO A 514 7.30 28.39 -5.54
CA PRO A 514 8.14 29.60 -5.58
C PRO A 514 9.58 29.37 -6.02
N GLU A 515 10.07 30.22 -6.92
CA GLU A 515 11.47 30.20 -7.33
C GLU A 515 12.43 30.55 -6.17
N ASP A 516 11.96 31.30 -5.18
CA ASP A 516 12.86 31.98 -4.21
C ASP A 516 12.58 31.59 -2.77
N ALA A 517 12.08 30.38 -2.54
CA ALA A 517 11.76 29.94 -1.18
C ALA A 517 11.89 28.44 -1.05
N ILE A 518 11.94 27.98 0.19
CA ILE A 518 12.11 26.59 0.52
C ILE A 518 10.80 25.84 0.23
N VAL A 519 10.91 24.68 -0.41
CA VAL A 519 9.76 23.81 -0.68
C VAL A 519 9.93 22.57 0.21
N TYR A 520 9.07 22.43 1.21
CA TYR A 520 8.92 21.19 1.94
C TYR A 520 7.85 20.42 1.17
N CYS A 521 8.02 19.11 1.02
CA CYS A 521 7.02 18.27 0.32
C CYS A 521 6.57 17.12 1.17
N ASN A 522 5.35 16.63 0.94
CA ASN A 522 4.96 15.28 1.32
C ASN A 522 4.00 14.74 0.28
N PHE A 523 4.36 13.60 -0.31
CA PHE A 523 3.61 13.04 -1.46
C PHE A 523 2.73 11.82 -1.13
N ASN A 524 2.42 11.63 0.15
CA ASN A 524 1.59 10.54 0.59
C ASN A 524 0.12 10.84 0.38
N GLN A 525 -0.67 9.77 0.35
CA GLN A 525 -2.11 9.92 0.44
C GLN A 525 -2.44 10.68 1.72
N LEU A 526 -3.46 11.52 1.66
CA LEU A 526 -3.77 12.45 2.76
C LEU A 526 -4.20 11.76 4.05
N TYR A 527 -4.65 10.50 3.98
CA TYR A 527 -5.07 9.75 5.17
C TYR A 527 -3.97 9.54 6.22
N LYS A 528 -2.70 9.62 5.81
CA LYS A 528 -1.59 9.44 6.76
C LYS A 528 -1.28 10.71 7.62
N ILE A 529 -1.92 11.82 7.31
CA ILE A 529 -1.84 13.07 8.07
C ILE A 529 -2.90 13.05 9.20
N ASP A 530 -2.53 13.51 10.40
CA ASP A 530 -3.45 13.69 11.53
C ASP A 530 -3.29 15.13 12.08
N PRO A 531 -4.18 15.59 13.00
CA PRO A 531 -4.02 16.94 13.57
C PRO A 531 -2.61 17.29 14.10
N SER A 532 -2.03 16.41 14.91
CA SER A 532 -0.68 16.57 15.48
C SER A 532 0.37 16.80 14.40
N THR A 533 0.32 15.98 13.35
CA THR A 533 1.25 16.13 12.25
C THR A 533 1.11 17.48 11.57
N LEU A 534 -0.11 17.91 11.26
CA LEU A 534 -0.25 19.16 10.52
C LEU A 534 0.19 20.34 11.42
N GLN A 535 0.00 20.20 12.74
CA GLN A 535 0.43 21.23 13.70
C GLN A 535 1.95 21.40 13.65
N MET A 536 2.67 20.27 13.63
CA MET A 536 4.13 20.30 13.47
C MET A 536 4.55 21.01 12.18
N TRP A 537 3.88 20.66 11.07
CA TRP A 537 4.21 21.27 9.79
C TRP A 537 3.93 22.77 9.75
N ALA A 538 2.83 23.18 10.41
CA ALA A 538 2.48 24.58 10.53
C ALA A 538 3.55 25.35 11.35
N ASN A 539 4.01 24.75 12.44
CA ASN A 539 5.08 25.32 13.29
C ASN A 539 6.35 25.58 12.48
N ILE A 540 6.74 24.59 11.66
CA ILE A 540 7.90 24.67 10.78
C ILE A 540 7.72 25.81 9.76
N LEU A 541 6.55 25.88 9.13
CA LEU A 541 6.30 26.89 8.09
C LEU A 541 6.31 28.33 8.67
N LYS A 542 5.80 28.48 9.89
CA LYS A 542 5.84 29.80 10.57
C LYS A 542 7.27 30.23 10.91
N ARG A 543 8.12 29.28 11.34
CA ARG A 543 9.55 29.54 11.56
C ARG A 543 10.38 29.87 10.30
N VAL A 544 9.89 29.53 9.11
CA VAL A 544 10.63 29.71 7.87
C VAL A 544 9.83 30.56 6.86
N PRO A 545 10.02 31.87 6.92
CA PRO A 545 9.27 32.77 6.03
C PRO A 545 9.35 32.43 4.56
N ASN A 546 8.22 32.67 3.89
CA ASN A 546 8.07 32.49 2.43
C ASN A 546 8.03 31.02 1.96
N SER A 547 8.58 30.08 2.77
CA SER A 547 8.58 28.67 2.43
C SER A 547 7.16 28.13 2.28
N VAL A 548 7.03 27.03 1.54
CA VAL A 548 5.73 26.41 1.28
C VAL A 548 5.75 24.90 1.55
N LEU A 549 4.56 24.33 1.78
CA LEU A 549 4.39 22.89 1.90
C LEU A 549 3.67 22.40 0.65
N TRP A 550 4.24 21.38 0.01
CA TRP A 550 3.81 20.88 -1.28
C TRP A 550 3.14 19.56 -0.98
N LEU A 551 1.81 19.51 -1.18
CA LEU A 551 1.02 18.31 -0.95
C LEU A 551 0.28 17.91 -2.22
N LEU A 552 -0.26 16.68 -2.21
CA LEU A 552 -1.06 16.18 -3.33
C LEU A 552 -2.57 16.11 -3.07
N ARG A 553 -3.32 16.27 -4.14
CA ARG A 553 -4.78 16.03 -4.15
C ARG A 553 -5.04 14.54 -4.18
N PHE A 554 -4.96 13.96 -3.00
CA PHE A 554 -4.84 12.51 -2.89
C PHE A 554 -5.72 12.06 -1.72
N PRO A 555 -7.04 12.29 -1.78
CA PRO A 555 -7.78 12.86 -2.92
C PRO A 555 -8.02 14.36 -2.83
N ALA A 556 -8.45 14.95 -3.93
CA ALA A 556 -8.75 16.39 -3.98
C ALA A 556 -9.72 16.89 -2.91
N VAL A 557 -10.75 16.11 -2.60
CA VAL A 557 -11.70 16.55 -1.57
C VAL A 557 -11.08 16.71 -0.16
N GLY A 558 -9.86 16.22 0.05
CA GLY A 558 -9.14 16.47 1.30
C GLY A 558 -8.55 17.86 1.45
N GLU A 559 -8.36 18.54 0.31
CA GLU A 559 -7.71 19.83 0.23
C GLU A 559 -8.33 20.92 1.12
N PRO A 560 -9.65 21.23 0.97
CA PRO A 560 -10.13 22.35 1.79
C PRO A 560 -10.12 22.05 3.30
N ASN A 561 -10.22 20.79 3.68
CA ASN A 561 -10.08 20.45 5.11
C ASN A 561 -8.66 20.79 5.64
N ILE A 562 -7.63 20.32 4.94
CA ILE A 562 -6.24 20.64 5.30
C ILE A 562 -6.05 22.15 5.36
N GLN A 563 -6.46 22.86 4.30
CA GLN A 563 -6.29 24.30 4.26
C GLN A 563 -6.98 25.00 5.43
N GLN A 564 -8.18 24.54 5.79
CA GLN A 564 -8.94 25.15 6.91
C GLN A 564 -8.24 24.93 8.23
N TYR A 565 -7.85 23.69 8.53
CA TYR A 565 -7.15 23.40 9.79
C TYR A 565 -5.81 24.14 9.89
N ALA A 566 -5.14 24.34 8.75
CA ALA A 566 -3.91 25.15 8.68
C ALA A 566 -4.21 26.63 8.91
N GLN A 567 -5.31 27.13 8.34
CA GLN A 567 -5.73 28.52 8.60
C GLN A 567 -6.05 28.79 10.08
N ASN A 568 -6.70 27.83 10.74
CA ASN A 568 -6.97 27.92 12.18
C ASN A 568 -5.69 27.85 13.02
N MET A 569 -4.66 27.17 12.52
CA MET A 569 -3.35 27.17 13.17
C MET A 569 -2.54 28.45 12.93
N GLY A 570 -2.97 29.34 12.02
CA GLY A 570 -2.32 30.62 11.78
C GLY A 570 -1.57 30.78 10.46
N LEU A 571 -1.54 29.75 9.62
CA LEU A 571 -0.94 29.89 8.29
C LEU A 571 -1.91 30.53 7.32
N PRO A 572 -1.49 31.58 6.59
CA PRO A 572 -2.30 31.96 5.40
C PRO A 572 -2.31 30.86 4.30
N GLN A 573 -3.26 30.96 3.36
CA GLN A 573 -3.55 29.83 2.42
C GLN A 573 -2.43 29.51 1.42
N ASN A 574 -1.80 30.58 0.93
CA ASN A 574 -0.61 30.51 0.07
C ASN A 574 0.60 29.68 0.61
N ARG A 575 0.59 29.27 1.87
CA ARG A 575 1.69 28.48 2.42
C ARG A 575 1.62 26.98 2.01
N ILE A 576 0.45 26.51 1.55
CA ILE A 576 0.29 25.12 1.15
C ILE A 576 -0.14 25.07 -0.30
N ILE A 577 0.66 24.40 -1.12
CA ILE A 577 0.40 24.29 -2.56
C ILE A 577 0.07 22.83 -2.89
N PHE A 578 -1.09 22.61 -3.51
CA PHE A 578 -1.57 21.28 -3.90
C PHE A 578 -1.33 21.06 -5.38
N SER A 579 -0.85 19.88 -5.70
CA SER A 579 -0.71 19.43 -7.08
C SER A 579 -1.51 18.14 -7.29
N PRO A 580 -1.84 17.85 -8.55
CA PRO A 580 -2.49 16.57 -8.79
C PRO A 580 -1.53 15.40 -8.62
N VAL A 581 -2.09 14.24 -8.30
CA VAL A 581 -1.39 12.96 -8.43
C VAL A 581 -0.88 12.84 -9.86
N ALA A 582 0.39 12.44 -10.00
CA ALA A 582 1.04 12.31 -11.32
C ALA A 582 1.25 10.84 -11.71
N PRO A 583 1.48 10.59 -13.00
CA PRO A 583 2.02 9.28 -13.38
C PRO A 583 3.32 8.97 -12.62
N LYS A 584 3.58 7.69 -12.40
CA LYS A 584 4.72 7.21 -11.58
C LYS A 584 6.07 7.93 -11.87
N GLU A 585 6.48 8.02 -13.12
CA GLU A 585 7.80 8.59 -13.46
C GLU A 585 7.86 10.10 -13.15
N GLU A 586 6.79 10.82 -13.45
CA GLU A 586 6.70 12.26 -13.13
C GLU A 586 6.74 12.48 -11.60
N HIS A 587 6.00 11.68 -10.88
CA HIS A 587 5.99 11.73 -9.42
C HIS A 587 7.42 11.63 -8.84
N VAL A 588 8.17 10.65 -9.31
CA VAL A 588 9.52 10.43 -8.84
C VAL A 588 10.41 11.59 -9.29
N ARG A 589 10.34 11.93 -10.56
CA ARG A 589 11.14 13.00 -11.10
C ARG A 589 10.91 14.36 -10.40
N ARG A 590 9.66 14.69 -10.14
CA ARG A 590 9.32 16.01 -9.60
C ARG A 590 9.73 16.19 -8.15
N GLY A 591 10.00 15.11 -7.43
CA GLY A 591 10.59 15.20 -6.11
C GLY A 591 11.94 15.93 -6.09
N GLN A 592 12.62 15.98 -7.23
CA GLN A 592 13.85 16.78 -7.37
C GLN A 592 13.66 18.30 -7.16
N LEU A 593 12.41 18.79 -7.25
CA LEU A 593 12.10 20.22 -7.13
C LEU A 593 11.96 20.68 -5.68
N ALA A 594 11.76 19.74 -4.77
CA ALA A 594 11.65 20.04 -3.37
C ALA A 594 13.03 20.24 -2.77
N ASP A 595 13.09 20.97 -1.65
CA ASP A 595 14.28 21.01 -0.78
C ASP A 595 14.31 19.88 0.24
N VAL A 596 13.18 19.64 0.88
CA VAL A 596 13.09 18.70 2.01
C VAL A 596 11.71 18.02 1.95
N CYS A 597 11.68 16.74 2.35
CA CYS A 597 10.45 16.00 2.48
C CYS A 597 10.18 15.86 3.95
N LEU A 598 8.94 16.16 4.35
CA LEU A 598 8.51 16.00 5.72
C LEU A 598 7.64 14.76 5.78
N ASP A 599 8.18 13.68 6.35
CA ASP A 599 7.49 12.42 6.48
C ASP A 599 6.37 12.47 7.53
N THR A 600 5.34 11.64 7.30
CA THR A 600 4.17 11.51 8.14
C THR A 600 4.50 10.57 9.30
N PRO A 601 4.50 11.07 10.56
CA PRO A 601 4.85 10.16 11.65
C PRO A 601 3.81 9.09 11.94
N LEU A 602 2.53 9.39 11.72
CA LEU A 602 1.46 8.41 12.01
C LEU A 602 1.65 7.10 11.21
N CYS A 603 1.87 7.27 9.91
CA CYS A 603 2.22 6.16 9.02
C CYS A 603 3.15 6.74 7.98
N ASN A 604 4.40 6.22 7.92
CA ASN A 604 5.43 6.86 7.07
C ASN A 604 5.14 6.59 5.59
N GLY A 605 5.81 7.36 4.73
CA GLY A 605 5.95 6.96 3.33
C GLY A 605 6.76 5.69 3.33
N HIS A 606 6.27 4.67 2.62
CA HIS A 606 6.98 3.40 2.48
C HIS A 606 7.56 3.40 1.09
N THR A 607 6.82 2.93 0.08
CA THR A 607 7.22 3.15 -1.31
C THR A 607 7.50 4.64 -1.57
N THR A 608 6.62 5.49 -1.04
CA THR A 608 6.71 6.94 -1.24
C THR A 608 8.00 7.55 -0.68
N GLY A 609 8.49 6.96 0.40
CA GLY A 609 9.78 7.30 0.99
C GLY A 609 10.96 6.97 0.11
N MET A 610 10.94 5.77 -0.48
CA MET A 610 11.95 5.37 -1.47
C MET A 610 11.95 6.32 -2.67
N ASP A 611 10.75 6.72 -3.09
CA ASP A 611 10.59 7.63 -4.20
C ASP A 611 11.30 8.98 -3.94
N VAL A 612 11.11 9.61 -2.78
CA VAL A 612 11.71 10.95 -2.58
C VAL A 612 13.22 10.88 -2.47
N LEU A 613 13.71 9.83 -1.82
CA LEU A 613 15.14 9.63 -1.64
C LEU A 613 15.86 9.41 -2.96
N TRP A 614 15.19 8.78 -3.93
CA TRP A 614 15.77 8.54 -5.27
C TRP A 614 16.00 9.84 -6.01
N ALA A 615 15.19 10.85 -5.71
CA ALA A 615 15.36 12.19 -6.30
C ALA A 615 16.49 12.99 -5.59
N GLY A 616 17.03 12.46 -4.49
CA GLY A 616 18.07 13.15 -3.73
C GLY A 616 17.53 14.10 -2.66
N THR A 617 16.26 13.91 -2.29
CA THR A 617 15.58 14.79 -1.37
C THR A 617 15.66 14.24 0.06
N PRO A 618 16.32 14.97 0.97
CA PRO A 618 16.34 14.53 2.38
C PRO A 618 14.92 14.47 2.93
N MET A 619 14.71 13.50 3.78
CA MET A 619 13.43 13.25 4.39
C MET A 619 13.58 13.29 5.90
N VAL A 620 12.84 14.20 6.55
CA VAL A 620 12.82 14.27 8.02
C VAL A 620 11.72 13.36 8.51
N THR A 621 12.05 12.49 9.48
CA THR A 621 11.07 11.55 10.04
C THR A 621 11.14 11.49 11.55
N MET A 622 10.06 11.04 12.17
CA MET A 622 10.01 10.74 13.60
C MET A 622 9.45 9.33 13.81
N PRO A 623 10.33 8.32 13.98
CA PRO A 623 9.82 6.96 14.12
C PRO A 623 8.94 6.79 15.35
N GLY A 624 7.84 6.05 15.21
CA GLY A 624 6.88 5.80 16.29
C GLY A 624 7.15 4.42 16.82
N GLU A 625 6.12 3.65 17.13
CA GLU A 625 6.30 2.27 17.62
C GLU A 625 5.88 1.18 16.63
N THR A 626 4.75 1.39 15.95
CA THR A 626 4.28 0.47 14.88
C THR A 626 5.33 0.34 13.77
N LEU A 627 5.41 -0.85 13.16
CA LEU A 627 6.25 -1.08 11.97
C LEU A 627 6.08 0.05 10.96
N ALA A 628 4.82 0.39 10.68
CA ALA A 628 4.42 1.41 9.70
C ALA A 628 4.94 2.81 9.98
N SER A 629 5.11 3.16 11.26
CA SER A 629 5.66 4.45 11.67
C SER A 629 7.18 4.49 11.75
N ARG A 630 7.85 3.37 11.48
CA ARG A 630 9.32 3.27 11.60
C ARG A 630 10.06 2.95 10.28
N VAL A 631 9.34 2.73 9.18
CA VAL A 631 9.95 2.39 7.90
C VAL A 631 10.89 3.48 7.39
N ALA A 632 10.44 4.73 7.38
CA ALA A 632 11.27 5.84 6.87
C ALA A 632 12.64 5.97 7.61
N ALA A 633 12.59 5.79 8.93
CA ALA A 633 13.81 5.84 9.74
C ALA A 633 14.76 4.66 9.43
N SER A 634 14.20 3.48 9.17
CA SER A 634 15.01 2.35 8.69
C SER A 634 15.65 2.67 7.32
N GLN A 635 14.87 3.26 6.42
CA GLN A 635 15.42 3.64 5.12
C GLN A 635 16.58 4.60 5.29
N LEU A 636 16.38 5.61 6.14
CA LEU A 636 17.36 6.66 6.36
C LEU A 636 18.61 6.13 7.05
N THR A 637 18.44 5.18 7.97
CA THR A 637 19.57 4.52 8.62
C THR A 637 20.42 3.78 7.58
N CYS A 638 19.77 2.98 6.72
CA CYS A 638 20.48 2.26 5.64
C CYS A 638 21.19 3.22 4.73
N LEU A 639 20.50 4.29 4.38
CA LEU A 639 21.06 5.35 3.56
C LEU A 639 22.28 6.02 4.21
N GLY A 640 22.26 6.12 5.54
CA GLY A 640 23.35 6.69 6.32
C GLY A 640 23.15 8.16 6.65
N CYS A 641 21.91 8.55 6.95
CA CYS A 641 21.58 9.95 7.29
C CYS A 641 20.82 9.95 8.61
N LEU A 642 21.53 9.61 9.68
CA LEU A 642 20.96 9.56 11.03
C LEU A 642 20.50 10.93 11.54
N GLU A 643 21.07 12.01 10.97
CA GLU A 643 20.73 13.38 11.34
C GLU A 643 19.32 13.82 10.94
N LEU A 644 18.63 13.00 10.13
CA LEU A 644 17.28 13.31 9.66
C LEU A 644 16.21 12.58 10.45
N ILE A 645 16.61 11.77 11.44
CA ILE A 645 15.70 11.02 12.29
C ILE A 645 15.50 11.78 13.61
N ALA A 646 14.25 12.17 13.89
CA ALA A 646 13.88 12.88 15.14
C ALA A 646 13.39 11.91 16.21
N LYS A 647 13.76 12.14 17.48
CA LYS A 647 13.28 11.34 18.63
C LYS A 647 11.97 11.88 19.24
N ASN A 648 11.64 13.13 18.94
CA ASN A 648 10.39 13.76 19.38
C ASN A 648 10.04 14.92 18.45
N ARG A 649 8.88 15.53 18.73
CA ARG A 649 8.30 16.56 17.86
C ARG A 649 9.15 17.80 17.75
N GLN A 650 9.80 18.19 18.84
CA GLN A 650 10.66 19.37 18.84
C GLN A 650 11.87 19.16 17.94
N GLU A 651 12.48 17.99 18.05
CA GLU A 651 13.58 17.63 17.18
C GLU A 651 13.19 17.68 15.69
N TYR A 652 12.03 17.10 15.36
CA TYR A 652 11.53 17.06 13.98
C TYR A 652 11.41 18.47 13.45
N GLU A 653 10.77 19.35 14.21
CA GLU A 653 10.68 20.77 13.81
C GLU A 653 12.06 21.45 13.69
N ASP A 654 12.95 21.23 14.65
CA ASP A 654 14.29 21.92 14.61
C ASP A 654 15.09 21.48 13.37
N ILE A 655 15.14 20.17 13.15
CA ILE A 655 15.80 19.56 11.96
C ILE A 655 15.25 20.19 10.69
N ALA A 656 13.92 20.17 10.59
CA ALA A 656 13.25 20.73 9.42
C ALA A 656 13.52 22.21 9.25
N VAL A 657 13.48 22.97 10.34
CA VAL A 657 13.72 24.42 10.23
C VAL A 657 15.21 24.67 9.92
N LYS A 658 16.08 23.91 10.56
CA LYS A 658 17.52 24.01 10.23
C LYS A 658 17.75 23.78 8.73
N LEU A 659 17.12 22.75 8.17
CA LEU A 659 17.30 22.46 6.73
C LEU A 659 16.75 23.58 5.89
N GLY A 660 15.67 24.24 6.35
CA GLY A 660 15.10 25.37 5.61
C GLY A 660 15.74 26.75 5.78
N THR A 661 16.66 26.88 6.75
CA THR A 661 17.33 28.19 6.99
C THR A 661 18.88 28.18 6.79
N ASP A 662 19.57 27.20 7.35
CA ASP A 662 21.00 26.95 7.13
C ASP A 662 21.26 26.35 5.72
N LEU A 663 21.39 27.21 4.72
CA LEU A 663 21.44 26.75 3.36
C LEU A 663 22.70 25.95 2.97
N GLU A 664 23.79 26.15 3.70
CA GLU A 664 24.99 25.36 3.51
C GLU A 664 24.83 24.00 4.12
N TYR A 665 24.12 23.91 5.24
CA TYR A 665 23.86 22.58 5.83
C TYR A 665 22.85 21.79 4.98
N LEU A 666 21.95 22.50 4.30
CA LEU A 666 20.97 21.91 3.38
C LEU A 666 21.72 21.29 2.21
N LYS A 667 22.58 22.09 1.58
CA LYS A 667 23.44 21.67 0.48
C LYS A 667 24.29 20.44 0.85
N LYS A 668 24.83 20.42 2.05
CA LYS A 668 25.58 19.27 2.54
C LYS A 668 24.70 18.02 2.65
N VAL A 669 23.53 18.15 3.30
CA VAL A 669 22.67 17.00 3.56
C VAL A 669 22.11 16.46 2.25
N ARG A 670 21.73 17.34 1.33
CA ARG A 670 21.25 16.96 0.00
C ARG A 670 22.35 16.23 -0.77
N GLY A 671 23.54 16.82 -0.83
CA GLY A 671 24.72 16.17 -1.42
C GLY A 671 24.92 14.78 -0.86
N LYS A 672 24.71 14.62 0.44
CA LYS A 672 24.86 13.31 1.06
C LYS A 672 23.77 12.30 0.59
N VAL A 673 22.52 12.74 0.49
CA VAL A 673 21.44 11.84 0.01
C VAL A 673 21.71 11.47 -1.46
N TRP A 674 22.07 12.47 -2.26
CA TRP A 674 22.33 12.31 -3.68
C TRP A 674 23.41 11.28 -3.99
N LYS A 675 24.50 11.28 -3.22
CA LYS A 675 25.55 10.28 -3.38
C LYS A 675 25.15 8.93 -2.81
N GLN A 676 24.62 8.93 -1.60
CA GLN A 676 24.38 7.67 -0.86
C GLN A 676 23.24 6.84 -1.44
N ARG A 677 22.37 7.44 -2.26
CA ARG A 677 21.35 6.62 -2.92
C ARG A 677 22.01 5.56 -3.85
N ILE A 678 23.20 5.87 -4.38
CA ILE A 678 24.02 4.93 -5.16
C ILE A 678 25.02 4.12 -4.31
N SER A 679 25.78 4.79 -3.44
CA SER A 679 26.84 4.12 -2.69
C SER A 679 26.34 3.32 -1.49
N SER A 680 25.18 3.67 -0.91
CA SER A 680 24.62 2.85 0.19
C SER A 680 23.95 1.59 -0.36
N PRO A 681 23.59 0.66 0.51
CA PRO A 681 22.78 -0.47 0.08
C PRO A 681 21.31 -0.18 -0.30
N LEU A 682 20.80 1.03 -0.10
CA LEU A 682 19.32 1.21 -0.07
C LEU A 682 18.62 0.72 -1.34
N PHE A 683 19.16 1.08 -2.50
CA PHE A 683 18.59 0.76 -3.81
C PHE A 683 19.37 -0.32 -4.57
N ASN A 684 20.22 -1.05 -3.87
CA ASN A 684 21.10 -2.06 -4.48
C ASN A 684 20.40 -3.40 -4.41
N THR A 685 19.70 -3.74 -5.47
CA THR A 685 18.84 -4.92 -5.48
C THR A 685 19.65 -6.23 -5.46
N LYS A 686 20.84 -6.25 -6.07
CA LYS A 686 21.70 -7.45 -6.02
C LYS A 686 22.13 -7.74 -4.57
N GLN A 687 22.72 -6.75 -3.90
CA GLN A 687 23.12 -6.91 -2.51
C GLN A 687 21.91 -7.32 -1.66
N TYR A 688 20.78 -6.61 -1.78
CA TYR A 688 19.57 -7.03 -1.08
C TYR A 688 19.21 -8.50 -1.28
N THR A 689 19.15 -8.93 -2.54
CA THR A 689 18.78 -10.31 -2.85
C THR A 689 19.74 -11.30 -2.15
N MET A 690 21.03 -10.99 -2.19
CA MET A 690 22.05 -11.85 -1.59
C MET A 690 21.88 -11.94 -0.05
N GLU A 691 21.61 -10.81 0.59
CA GLU A 691 21.34 -10.80 2.03
C GLU A 691 20.05 -11.54 2.37
N LEU A 692 19.03 -11.37 1.55
CA LEU A 692 17.79 -12.13 1.69
C LEU A 692 17.99 -13.65 1.52
N GLU A 693 18.87 -14.03 0.60
CA GLU A 693 19.24 -15.42 0.40
C GLU A 693 19.93 -16.03 1.64
N ARG A 694 20.87 -15.32 2.25
CA ARG A 694 21.50 -15.80 3.49
C ARG A 694 20.46 -16.01 4.57
N LEU A 695 19.59 -15.00 4.75
CA LEU A 695 18.51 -15.10 5.72
C LEU A 695 17.59 -16.30 5.45
N TYR A 696 17.30 -16.59 4.18
CA TYR A 696 16.50 -17.76 3.84
C TYR A 696 17.19 -19.09 4.21
N LEU A 697 18.52 -19.13 4.10
CA LEU A 697 19.25 -20.37 4.40
C LEU A 697 19.30 -20.59 5.92
N GLN A 698 19.50 -19.53 6.69
CA GLN A 698 19.36 -19.60 8.16
C GLN A 698 18.01 -20.21 8.54
N MET A 699 16.94 -19.65 8.00
CA MET A 699 15.60 -20.14 8.28
C MET A 699 15.45 -21.60 7.92
N TRP A 700 15.99 -21.98 6.78
CA TRP A 700 15.92 -23.37 6.34
C TRP A 700 16.69 -24.34 7.25
N GLU A 701 17.94 -24.00 7.56
CA GLU A 701 18.80 -24.88 8.36
C GLU A 701 18.26 -25.04 9.77
N HIS A 702 17.97 -23.91 10.41
CA HIS A 702 17.30 -23.90 11.72
C HIS A 702 16.16 -24.93 11.75
N TYR A 703 15.31 -24.96 10.74
CA TYR A 703 14.21 -25.93 10.70
C TYR A 703 14.65 -27.37 10.36
N ALA A 704 15.50 -27.53 9.35
CA ALA A 704 15.96 -28.86 8.91
C ALA A 704 16.69 -29.63 10.01
N ALA A 705 17.34 -28.89 10.92
CA ALA A 705 17.91 -29.44 12.15
C ALA A 705 16.87 -29.72 13.26
N GLY A 706 15.60 -29.94 12.90
CA GLY A 706 14.54 -30.28 13.85
C GLY A 706 13.93 -29.16 14.69
N ASN A 707 14.52 -27.95 14.68
CA ASN A 707 14.05 -26.85 15.54
C ASN A 707 12.79 -26.23 14.96
N LYS A 708 12.16 -25.35 15.74
CA LYS A 708 10.96 -24.63 15.30
C LYS A 708 11.29 -23.13 15.22
N PRO A 709 10.38 -22.34 14.60
CA PRO A 709 10.66 -20.93 14.41
C PRO A 709 11.14 -20.21 15.67
N ASP A 710 12.30 -19.57 15.58
CA ASP A 710 12.77 -18.69 16.63
C ASP A 710 13.35 -17.40 16.01
N HIS A 711 13.44 -16.35 16.84
CA HIS A 711 13.97 -15.05 16.44
C HIS A 711 15.34 -15.15 15.82
N MET A 712 15.67 -14.21 14.92
CA MET A 712 16.92 -14.25 14.16
C MET A 712 17.62 -12.90 14.16
N ILE A 713 18.81 -12.87 14.76
CA ILE A 713 19.65 -11.67 14.86
C ILE A 713 21.13 -12.10 14.93
N VAL B 2 -6.40 4.79 -11.86
CA VAL B 2 -5.15 5.04 -12.61
C VAL B 2 -3.91 4.88 -11.69
N THR B 3 -3.93 5.46 -10.45
CA THR B 3 -2.77 5.31 -9.57
C THR B 3 -2.98 4.17 -8.54
N PRO B 4 -2.30 3.04 -8.74
CA PRO B 4 -2.44 1.90 -7.79
C PRO B 4 -1.75 2.20 -6.57
N VAL B 5 -2.37 1.72 -5.48
CA VAL B 5 -1.94 2.03 -4.11
C VAL B 5 -2.15 0.79 -3.22
N CYS B 6 -1.58 0.76 -2.00
CA CYS B 6 -1.87 -0.35 -1.07
C CYS B 6 -3.24 -0.09 -0.47
N THR B 7 -4.12 -1.07 -0.52
CA THR B 7 -5.48 -0.89 0.03
C THR B 7 -5.90 -2.16 0.81
N ALA B 8 -6.79 -1.94 1.80
CA ALA B 8 -7.27 -3.01 2.69
C ALA B 8 -8.01 -4.08 1.91
#